data_5LAK
#
_entry.id   5LAK
#
_cell.length_a   72.192
_cell.length_b   110.150
_cell.length_c   98.496
_cell.angle_alpha   90.00
_cell.angle_beta   105.90
_cell.angle_gamma   90.00
#
_symmetry.space_group_name_H-M   'P 1 21 1'
#
loop_
_entity.id
_entity.type
_entity.pdbx_description
1 polymer '3Cl Protease'
2 polymer 'BEZ-TYR-TYR-ASN-ECC Peptide inhibitor'
3 non-polymer 'PENTAETHYLENE GLYCOL'
4 non-polymer 'TRIETHYLENE GLYCOL'
5 water water
#
loop_
_entity_poly.entity_id
_entity_poly.type
_entity_poly.pdbx_seq_one_letter_code
_entity_poly.pdbx_strand_id
1 'polypeptide(L)'
;SAASNPSISHIVLEMPVAINPLIKYTTRTSVSSLRGAVVNGYIYIQRHLFGSKKQEFEACYNNGKGLLNCKNLERSKYDI
DSAELIGTLIRIPLHDKHSIPHISIHPDPLSYNGPVTLYLSRYDTELNKDVLCVHTGFMSEGHHDIKTVFGDCGGMLFDP
KGRLLGLHCAGSDDVVFMDTTTGKSNIWTSYKLQHPSEIMITLNNEINLPNPANYDFETTKVVYQHPLRNVCATLETLQH
LTNKTNAKLPYDSRLLSDFNITAEQYNQYGYYIDYNNFVNNFNRYTTTTIGTKSFETCIKYGLMDNKKPDYYNQ
;
A,B,C,D
2 'polypeptide(L)' (BEZ)YYN(ECC) I,J,K
#
loop_
_chem_comp.id
_chem_comp.type
_chem_comp.name
_chem_comp.formula
1PE non-polymer 'PENTAETHYLENE GLYCOL' 'C10 H22 O6'
BEZ non-polymer 'BENZOIC ACID' 'C7 H6 O2'
PGE non-polymer 'TRIETHYLENE GLYCOL' 'C6 H14 O4'
#
# COMPACT_ATOMS: atom_id res chain seq x y z
N SER A 1 25.52 -8.45 24.47
CA SER A 1 25.84 -9.90 24.53
C SER A 1 24.64 -10.69 25.06
N ALA A 2 24.77 -12.01 25.11
CA ALA A 2 23.72 -12.88 25.62
C ALA A 2 23.40 -12.58 27.07
N ALA A 3 24.33 -11.94 27.77
CA ALA A 3 24.15 -11.61 29.17
C ALA A 3 23.02 -10.60 29.37
N SER A 4 22.74 -9.80 28.34
CA SER A 4 21.75 -8.73 28.43
C SER A 4 20.55 -8.90 27.49
N ASN A 5 20.55 -9.98 26.71
CA ASN A 5 19.42 -10.27 25.80
C ASN A 5 18.48 -11.27 26.47
N PRO A 6 17.21 -10.86 26.74
CA PRO A 6 16.27 -11.78 27.40
C PRO A 6 16.12 -13.10 26.66
N SER A 7 16.27 -13.04 25.33
CA SER A 7 16.29 -14.23 24.50
C SER A 7 15.06 -15.11 24.71
N ILE A 8 13.91 -14.46 24.82
CA ILE A 8 12.67 -15.16 25.15
C ILE A 8 12.27 -16.17 24.07
N SER A 9 11.82 -17.33 24.52
CA SER A 9 11.34 -18.38 23.64
C SER A 9 9.86 -18.17 23.33
N HIS A 10 9.55 -17.91 22.06
CA HIS A 10 8.18 -17.77 21.61
C HIS A 10 7.83 -18.94 20.69
N ILE A 11 6.70 -19.57 20.94
CA ILE A 11 6.25 -20.68 20.11
C ILE A 11 5.88 -20.22 18.70
N VAL A 12 6.46 -20.89 17.71
CA VAL A 12 6.20 -20.60 16.31
C VAL A 12 4.76 -20.95 15.94
N LEU A 13 4.02 -19.94 15.50
CA LEU A 13 2.65 -20.11 15.04
C LEU A 13 2.57 -20.25 13.54
N GLU A 14 1.89 -21.29 13.07
CA GLU A 14 1.65 -21.40 11.64
C GLU A 14 0.39 -20.59 11.32
N MET A 15 0.59 -19.33 10.96
CA MET A 15 -0.52 -18.46 10.59
C MET A 15 -0.28 -17.87 9.20
N PRO A 16 -1.32 -17.87 8.36
CA PRO A 16 -1.20 -17.25 7.04
C PRO A 16 -1.27 -15.73 7.15
N VAL A 17 -0.71 -15.03 6.18
CA VAL A 17 -0.75 -13.57 6.20
C VAL A 17 -2.19 -13.04 6.14
N ALA A 18 -3.10 -13.86 5.61
CA ALA A 18 -4.51 -13.46 5.49
C ALA A 18 -5.21 -13.41 6.84
N ILE A 19 -4.54 -13.81 7.91
CA ILE A 19 -5.11 -13.70 9.24
C ILE A 19 -5.10 -12.24 9.70
N ASN A 20 -4.33 -11.41 9.01
CA ASN A 20 -4.09 -10.04 9.42
C ASN A 20 -4.16 -9.10 8.22
N PRO A 21 -5.30 -9.12 7.49
CA PRO A 21 -5.37 -8.37 6.23
C PRO A 21 -5.44 -6.87 6.45
N LEU A 22 -4.73 -6.13 5.61
CA LEU A 22 -4.82 -4.68 5.58
C LEU A 22 -6.15 -4.21 4.98
N ILE A 23 -6.95 -3.51 5.78
CA ILE A 23 -8.20 -2.92 5.31
C ILE A 23 -8.04 -1.42 5.11
N LYS A 24 -8.51 -0.91 3.97
CA LYS A 24 -8.39 0.51 3.66
C LYS A 24 -9.74 1.16 3.35
N TYR A 25 -9.99 2.30 4.00
CA TYR A 25 -11.21 3.07 3.79
C TYR A 25 -10.88 4.46 3.25
N THR A 26 -11.21 4.69 1.99
CA THR A 26 -10.85 5.94 1.30
C THR A 26 -12.07 6.78 0.91
N THR A 27 -12.07 8.04 1.34
CA THR A 27 -13.14 8.99 0.99
C THR A 27 -12.57 10.19 0.22
N ARG A 28 -13.44 11.16 -0.07
CA ARG A 28 -13.03 12.37 -0.78
C ARG A 28 -12.12 13.24 0.06
N THR A 29 -12.11 13.01 1.37
CA THR A 29 -11.44 13.90 2.32
C THR A 29 -10.43 13.17 3.19
N SER A 30 -10.43 11.84 3.14
CA SER A 30 -9.58 11.08 4.05
C SER A 30 -9.23 9.70 3.53
N VAL A 31 -8.11 9.18 4.02
CA VAL A 31 -7.77 7.78 3.86
C VAL A 31 -7.43 7.25 5.23
N SER A 32 -8.01 6.11 5.57
CA SER A 32 -7.76 5.47 6.84
C SER A 32 -7.48 4.02 6.56
N SER A 33 -6.69 3.39 7.42
CA SER A 33 -6.35 1.99 7.23
C SER A 33 -5.84 1.35 8.50
N LEU A 34 -6.15 0.07 8.65
CA LEU A 34 -5.64 -0.73 9.72
C LEU A 34 -5.70 -2.20 9.29
N ARG A 35 -5.30 -3.10 10.18
CA ARG A 35 -5.43 -4.52 9.91
C ARG A 35 -6.67 -5.07 10.58
N GLY A 36 -7.36 -5.96 9.88
CA GLY A 36 -8.40 -6.77 10.49
C GLY A 36 -7.68 -7.94 11.14
N ALA A 37 -8.33 -8.58 12.11
CA ALA A 37 -7.78 -9.77 12.74
C ALA A 37 -8.79 -10.91 12.62
N VAL A 38 -8.45 -11.92 11.83
CA VAL A 38 -9.33 -13.07 11.63
C VAL A 38 -9.11 -14.12 12.72
N VAL A 39 -10.04 -14.18 13.68
CA VAL A 39 -9.91 -15.05 14.83
C VAL A 39 -11.09 -16.03 14.95
N ASN A 40 -10.80 -17.30 14.69
CA ASN A 40 -11.74 -18.38 14.92
C ASN A 40 -13.11 -18.17 14.27
N GLY A 41 -13.10 -17.85 12.98
CA GLY A 41 -14.33 -17.75 12.21
C GLY A 41 -14.85 -16.34 11.98
N TYR A 42 -14.20 -15.36 12.61
CA TYR A 42 -14.61 -13.97 12.49
C TYR A 42 -13.44 -13.03 12.26
N ILE A 43 -13.66 -12.02 11.43
CA ILE A 43 -12.69 -10.94 11.27
C ILE A 43 -13.12 -9.80 12.19
N TYR A 44 -12.14 -9.21 12.87
CA TYR A 44 -12.38 -8.12 13.79
C TYR A 44 -11.74 -6.84 13.27
N ILE A 45 -12.58 -5.81 13.09
CA ILE A 45 -12.14 -4.52 12.58
C ILE A 45 -12.46 -3.43 13.59
N GLN A 46 -11.42 -2.75 14.06
CA GLN A 46 -11.63 -1.65 14.99
C GLN A 46 -12.39 -0.54 14.28
N ARG A 47 -13.43 -0.04 14.93
CA ARG A 47 -14.42 0.80 14.29
C ARG A 47 -13.87 2.15 13.84
N HIS A 48 -12.79 2.60 14.46
CA HIS A 48 -12.28 3.94 14.16
C HIS A 48 -11.69 4.02 12.75
N LEU A 49 -11.68 2.88 12.05
CA LEU A 49 -11.43 2.85 10.61
C LEU A 49 -12.35 3.83 9.88
N PHE A 50 -13.57 3.99 10.39
CA PHE A 50 -14.59 4.82 9.76
C PHE A 50 -14.69 6.22 10.39
N GLY A 51 -13.84 6.50 11.37
CA GLY A 51 -13.82 7.82 12.00
C GLY A 51 -13.49 7.76 13.49
N SER A 52 -12.98 8.87 14.02
CA SER A 52 -12.56 8.93 15.42
C SER A 52 -13.47 9.80 16.28
N LYS A 53 -14.68 10.04 15.80
CA LYS A 53 -15.73 10.68 16.60
C LYS A 53 -17.07 10.01 16.29
N LYS A 54 -17.98 10.03 17.26
CA LYS A 54 -19.25 9.31 17.14
C LYS A 54 -20.03 9.67 15.88
N GLN A 55 -20.22 10.97 15.65
CA GLN A 55 -21.00 11.44 14.51
C GLN A 55 -20.35 11.03 13.20
N GLU A 56 -19.05 11.29 13.07
CA GLU A 56 -18.33 10.97 11.85
C GLU A 56 -18.35 9.46 11.61
N PHE A 57 -18.15 8.68 12.66
CA PHE A 57 -18.11 7.23 12.54
C PHE A 57 -19.45 6.66 12.06
N GLU A 58 -20.52 7.04 12.74
CA GLU A 58 -21.84 6.49 12.44
C GLU A 58 -22.28 6.83 11.02
N ALA A 59 -21.86 7.99 10.54
CA ALA A 59 -22.20 8.44 9.19
C ALA A 59 -21.49 7.63 8.11
N CYS A 60 -20.19 7.39 8.30
CA CYS A 60 -19.38 6.67 7.32
C CYS A 60 -19.64 5.17 7.35
N TYR A 61 -19.79 4.63 8.56
CA TYR A 61 -20.07 3.21 8.74
C TYR A 61 -21.48 2.87 8.25
N ASN A 62 -22.43 3.75 8.57
CA ASN A 62 -23.79 3.67 8.04
C ASN A 62 -24.45 2.30 8.24
N ASN A 63 -24.45 1.83 9.49
CA ASN A 63 -25.07 0.57 9.85
C ASN A 63 -24.53 -0.62 9.07
N GLY A 64 -23.26 -0.54 8.65
CA GLY A 64 -22.61 -1.63 7.96
C GLY A 64 -22.49 -1.40 6.46
N LYS A 65 -23.22 -0.40 5.96
CA LYS A 65 -23.15 -0.04 4.55
C LYS A 65 -21.73 0.39 4.17
N GLY A 66 -21.04 1.02 5.12
CA GLY A 66 -19.70 1.52 4.87
C GLY A 66 -18.74 0.41 4.50
N LEU A 67 -19.03 -0.80 4.96
CA LEU A 67 -18.18 -1.95 4.68
C LEU A 67 -18.07 -2.24 3.20
N LEU A 68 -19.09 -1.86 2.43
CA LEU A 68 -19.08 -2.07 1.00
C LEU A 68 -18.07 -1.16 0.31
N ASN A 69 -17.62 -0.12 1.00
CA ASN A 69 -16.65 0.83 0.45
C ASN A 69 -15.23 0.65 0.98
N CYS A 70 -14.93 -0.52 1.53
CA CYS A 70 -13.59 -0.83 2.03
C CYS A 70 -12.86 -1.75 1.07
N LYS A 71 -11.59 -1.47 0.83
CA LYS A 71 -10.77 -2.34 -0.01
C LYS A 71 -10.30 -3.53 0.80
N ASN A 72 -10.09 -4.67 0.14
CA ASN A 72 -9.62 -5.88 0.79
C ASN A 72 -10.64 -6.41 1.79
N LEU A 73 -11.92 -6.20 1.50
CA LEU A 73 -13.01 -6.69 2.34
C LEU A 73 -14.11 -7.35 1.49
N GLU A 74 -13.69 -8.26 0.63
CA GLU A 74 -14.57 -8.88 -0.37
C GLU A 74 -15.67 -9.76 0.23
N ARG A 75 -16.86 -9.67 -0.36
CA ARG A 75 -18.00 -10.51 0.04
C ARG A 75 -17.69 -11.99 -0.12
N SER A 76 -16.73 -12.30 -0.98
CA SER A 76 -16.31 -13.67 -1.21
C SER A 76 -15.69 -14.28 0.04
N LYS A 77 -14.97 -13.46 0.81
CA LYS A 77 -14.31 -13.93 2.03
C LYS A 77 -15.20 -13.77 3.26
N TYR A 78 -15.87 -12.62 3.36
CA TYR A 78 -16.62 -12.26 4.56
C TYR A 78 -18.11 -12.09 4.27
N ASP A 79 -18.92 -12.47 5.25
CA ASP A 79 -20.37 -12.31 5.16
C ASP A 79 -20.75 -10.91 5.67
N ILE A 80 -20.62 -9.92 4.80
CA ILE A 80 -20.80 -8.51 5.16
C ILE A 80 -22.16 -8.23 5.77
N ASP A 81 -23.20 -8.81 5.18
CA ASP A 81 -24.57 -8.59 5.63
C ASP A 81 -24.79 -8.96 7.09
N SER A 82 -23.95 -9.86 7.60
CA SER A 82 -24.06 -10.31 8.99
C SER A 82 -23.05 -9.61 9.90
N ALA A 83 -22.55 -8.45 9.46
CA ALA A 83 -21.64 -7.68 10.28
C ALA A 83 -22.35 -7.20 11.54
N GLU A 84 -21.61 -7.15 12.64
CA GLU A 84 -22.14 -6.71 13.92
C GLU A 84 -21.19 -5.73 14.58
N LEU A 85 -21.71 -4.56 14.97
CA LEU A 85 -20.94 -3.61 15.76
C LEU A 85 -21.04 -3.98 17.24
N ILE A 86 -19.95 -4.53 17.77
CA ILE A 86 -19.87 -4.90 19.18
C ILE A 86 -18.87 -3.99 19.89
N GLY A 87 -19.39 -3.06 20.67
CA GLY A 87 -18.57 -2.08 21.36
C GLY A 87 -17.78 -1.24 20.38
N THR A 88 -16.45 -1.31 20.45
CA THR A 88 -15.58 -0.55 19.57
C THR A 88 -15.09 -1.39 18.38
N LEU A 89 -15.60 -2.61 18.27
CA LEU A 89 -15.18 -3.53 17.22
C LEU A 89 -16.30 -3.90 16.26
N ILE A 90 -15.93 -4.02 14.99
CA ILE A 90 -16.83 -4.55 13.97
C ILE A 90 -16.48 -6.00 13.73
N ARG A 91 -17.42 -6.90 14.02
CA ARG A 91 -17.22 -8.33 13.86
C ARG A 91 -18.01 -8.85 12.67
N ILE A 92 -17.30 -9.50 11.75
CA ILE A 92 -17.92 -10.07 10.55
C ILE A 92 -17.55 -11.54 10.42
N PRO A 93 -18.54 -12.42 10.19
CA PRO A 93 -18.20 -13.83 10.00
C PRO A 93 -17.52 -14.09 8.67
N LEU A 94 -16.59 -15.03 8.66
CA LEU A 94 -16.06 -15.57 7.43
C LEU A 94 -17.18 -16.34 6.75
N HIS A 95 -17.23 -16.29 5.42
CA HIS A 95 -18.20 -17.07 4.68
C HIS A 95 -17.87 -18.54 4.91
N ASP A 96 -16.59 -18.85 4.84
CA ASP A 96 -16.08 -20.18 5.12
C ASP A 96 -15.31 -20.15 6.44
N LYS A 97 -15.94 -20.63 7.51
CA LYS A 97 -15.38 -20.58 8.86
C LYS A 97 -14.02 -21.29 8.94
N HIS A 98 -13.73 -22.12 7.94
CA HIS A 98 -12.50 -22.91 7.94
C HIS A 98 -11.39 -22.29 7.08
N SER A 99 -11.69 -21.19 6.40
CA SER A 99 -10.71 -20.62 5.47
C SER A 99 -9.43 -20.13 6.14
N ILE A 100 -9.54 -19.66 7.39
CA ILE A 100 -8.37 -19.29 8.17
C ILE A 100 -8.23 -20.21 9.39
N PRO A 101 -7.02 -20.75 9.63
CA PRO A 101 -6.88 -21.67 10.76
C PRO A 101 -7.16 -20.97 12.10
N HIS A 102 -7.83 -21.68 13.00
CA HIS A 102 -8.13 -21.12 14.32
C HIS A 102 -6.91 -21.09 15.23
N ILE A 103 -6.98 -20.23 16.24
CA ILE A 103 -5.85 -19.98 17.15
C ILE A 103 -6.27 -20.07 18.61
N SER A 104 -5.29 -20.26 19.49
CA SER A 104 -5.54 -20.27 20.92
C SER A 104 -5.79 -18.86 21.46
N ILE A 105 -6.72 -18.76 22.42
CA ILE A 105 -7.09 -17.48 23.02
C ILE A 105 -6.71 -17.45 24.50
N HIS A 106 -6.00 -16.41 24.92
CA HIS A 106 -5.70 -16.25 26.34
C HIS A 106 -7.01 -15.95 27.10
N PRO A 107 -7.27 -16.68 28.20
CA PRO A 107 -8.54 -16.57 28.92
C PRO A 107 -8.74 -15.28 29.74
N ASP A 108 -7.68 -14.50 29.94
CA ASP A 108 -7.79 -13.27 30.74
C ASP A 108 -6.63 -12.34 30.40
N PRO A 109 -6.66 -11.78 29.18
CA PRO A 109 -5.53 -11.04 28.58
C PRO A 109 -5.03 -9.84 29.38
N LEU A 110 -5.91 -9.04 29.96
CA LEU A 110 -5.46 -7.85 30.67
C LEU A 110 -4.78 -8.18 31.99
N SER A 111 -4.82 -9.44 32.40
CA SER A 111 -4.12 -9.87 33.61
C SER A 111 -2.70 -10.36 33.29
N TYR A 112 -2.41 -10.54 32.01
CA TYR A 112 -1.10 -11.05 31.61
C TYR A 112 0.00 -10.01 31.80
N ASN A 113 1.14 -10.48 32.31
CA ASN A 113 2.33 -9.67 32.47
C ASN A 113 3.56 -10.50 32.07
N GLY A 114 4.25 -10.09 31.01
CA GLY A 114 5.41 -10.83 30.55
C GLY A 114 5.68 -10.60 29.08
N PRO A 115 6.63 -11.36 28.52
CA PRO A 115 7.00 -11.26 27.10
C PRO A 115 5.81 -11.48 26.16
N VAL A 116 5.82 -10.78 25.02
CA VAL A 116 4.80 -10.96 24.00
C VAL A 116 5.41 -10.87 22.62
N THR A 117 4.65 -11.30 21.62
CA THR A 117 4.97 -11.04 20.23
C THR A 117 3.91 -10.15 19.63
N LEU A 118 4.28 -9.38 18.63
CA LEU A 118 3.34 -8.62 17.82
C LEU A 118 3.42 -9.11 16.38
N TYR A 119 2.31 -9.58 15.85
CA TYR A 119 2.25 -9.98 14.45
C TYR A 119 1.54 -8.92 13.61
N LEU A 120 2.14 -8.58 12.48
CA LEU A 120 1.64 -7.54 11.59
C LEU A 120 1.87 -8.00 10.17
N SER A 121 0.86 -7.90 9.31
CA SER A 121 1.07 -8.12 7.89
C SER A 121 1.81 -6.91 7.32
N ARG A 122 2.74 -7.18 6.41
CA ARG A 122 3.49 -6.13 5.73
C ARG A 122 3.71 -6.53 4.27
N TYR A 123 3.84 -5.53 3.40
CA TYR A 123 4.24 -5.75 2.01
C TYR A 123 5.76 -5.60 1.91
N ASP A 124 6.45 -6.64 1.42
CA ASP A 124 7.90 -6.58 1.30
C ASP A 124 8.33 -6.18 -0.11
N THR A 125 8.97 -5.02 -0.21
CA THR A 125 9.44 -4.48 -1.49
C THR A 125 10.68 -5.21 -1.99
N ASN A 128 8.98 -9.79 -2.51
CA ASN A 128 8.02 -9.22 -3.45
C ASN A 128 6.60 -9.73 -3.20
N LYS A 129 6.13 -9.59 -1.96
CA LYS A 129 4.81 -10.07 -1.57
C LYS A 129 4.35 -9.47 -0.24
N ASP A 130 3.09 -9.70 0.09
CA ASP A 130 2.58 -9.38 1.43
C ASP A 130 2.93 -10.54 2.36
N VAL A 131 3.61 -10.24 3.47
CA VAL A 131 4.10 -11.26 4.39
C VAL A 131 3.76 -10.95 5.84
N LEU A 132 3.68 -12.00 6.65
CA LEU A 132 3.45 -11.87 8.08
C LEU A 132 4.78 -11.59 8.79
N CYS A 133 4.79 -10.54 9.62
CA CYS A 133 6.00 -10.16 10.37
C CYS A 133 5.80 -10.23 11.87
N VAL A 134 6.82 -10.70 12.57
CA VAL A 134 6.79 -10.83 14.03
C VAL A 134 7.77 -9.88 14.70
N HIS A 135 7.40 -9.39 15.88
CA HIS A 135 8.24 -8.52 16.68
C HIS A 135 8.15 -8.96 18.12
N THR A 136 9.26 -8.87 18.86
CA THR A 136 9.26 -9.27 20.27
C THR A 136 9.27 -8.07 21.21
N GLY A 137 8.60 -8.23 22.35
CA GLY A 137 8.53 -7.18 23.35
C GLY A 137 7.96 -7.67 24.66
N PHE A 138 7.49 -6.72 25.46
CA PHE A 138 6.99 -6.98 26.81
C PHE A 138 5.64 -6.30 27.00
N MET A 139 4.74 -6.95 27.74
CA MET A 139 3.43 -6.38 28.04
C MET A 139 3.13 -6.43 29.53
N SER A 140 2.52 -5.35 30.02
CA SER A 140 2.04 -5.27 31.38
C SER A 140 0.58 -4.83 31.38
N GLU A 141 -0.32 -5.78 31.65
CA GLU A 141 -1.75 -5.53 31.70
C GLU A 141 -2.26 -4.68 30.53
N GLY A 142 -1.97 -5.15 29.31
CA GLY A 142 -2.49 -4.51 28.11
C GLY A 142 -1.70 -3.31 27.62
N HIS A 143 -0.55 -3.07 28.22
CA HIS A 143 0.36 -2.01 27.79
C HIS A 143 1.72 -2.59 27.45
N HIS A 144 2.18 -2.37 26.22
CA HIS A 144 3.41 -3.01 25.75
C HIS A 144 4.46 -2.00 25.29
N ASP A 145 5.59 -2.51 24.80
CA ASP A 145 6.75 -1.69 24.47
C ASP A 145 7.26 -1.93 23.04
N ILE A 146 6.40 -2.45 22.19
CA ILE A 146 6.77 -2.66 20.79
C ILE A 146 6.40 -1.44 19.95
N LYS A 147 7.37 -0.88 19.26
CA LYS A 147 7.18 0.33 18.45
C LYS A 147 6.11 0.14 17.39
N THR A 148 5.18 1.07 17.33
CA THR A 148 4.15 1.09 16.30
C THR A 148 4.05 2.45 15.64
N VAL A 149 3.44 2.47 14.47
CA VAL A 149 3.23 3.70 13.72
C VAL A 149 1.75 3.70 13.31
N PHE A 150 1.23 4.85 12.88
CA PHE A 150 -0.18 4.93 12.50
C PHE A 150 -0.47 3.91 11.40
N GLY A 151 -1.54 3.14 11.58
CA GLY A 151 -1.91 2.09 10.65
C GLY A 151 -1.68 0.70 11.21
N ASP A 152 -0.91 0.61 12.29
CA ASP A 152 -0.54 -0.68 12.86
C ASP A 152 -1.65 -1.26 13.74
N CYS A 153 -2.74 -0.51 13.89
CA CYS A 153 -3.88 -1.03 14.64
C CYS A 153 -4.37 -2.32 13.99
N GLY A 154 -4.69 -3.30 14.82
CA GLY A 154 -5.11 -4.59 14.34
C GLY A 154 -4.01 -5.62 14.43
N GLY A 155 -2.78 -5.17 14.66
CA GLY A 155 -1.66 -6.07 14.90
C GLY A 155 -2.03 -6.98 16.05
N MET A 156 -1.66 -8.25 15.95
CA MET A 156 -2.12 -9.25 16.90
C MET A 156 -1.03 -9.59 17.91
N LEU A 157 -1.37 -9.42 19.19
CA LEU A 157 -0.43 -9.64 20.28
C LEU A 157 -0.68 -11.00 20.93
N PHE A 158 0.41 -11.76 21.09
CA PHE A 158 0.36 -13.12 21.63
C PHE A 158 1.28 -13.29 22.83
N ASP A 159 0.95 -14.23 23.72
CA ASP A 159 1.87 -14.60 24.78
C ASP A 159 2.84 -15.65 24.22
N PRO A 160 3.87 -16.02 24.98
CA PRO A 160 4.91 -16.93 24.47
C PRO A 160 4.41 -18.34 24.13
N LYS A 161 3.24 -18.73 24.62
CA LYS A 161 2.68 -20.04 24.30
C LYS A 161 1.76 -19.95 23.08
N GLY A 162 1.66 -18.76 22.51
CA GLY A 162 0.90 -18.59 21.29
C GLY A 162 -0.59 -18.34 21.53
N ARG A 163 -0.93 -17.88 22.73
CA ARG A 163 -2.30 -17.54 23.05
C ARG A 163 -2.55 -16.07 22.78
N LEU A 164 -3.61 -15.80 22.02
CA LEU A 164 -3.95 -14.44 21.62
C LEU A 164 -4.31 -13.59 22.83
N LEU A 165 -3.64 -12.46 22.96
CA LEU A 165 -3.93 -11.52 24.03
C LEU A 165 -4.92 -10.47 23.54
N GLY A 166 -4.70 -9.96 22.33
CA GLY A 166 -5.57 -8.94 21.79
C GLY A 166 -4.97 -8.21 20.60
N LEU A 167 -5.51 -7.04 20.32
CA LEU A 167 -5.15 -6.27 19.14
C LEU A 167 -4.56 -4.92 19.55
N HIS A 168 -3.50 -4.52 18.87
CA HIS A 168 -2.95 -3.18 19.07
C HIS A 168 -3.94 -2.12 18.56
N CYS A 169 -4.12 -1.05 19.33
CA CYS A 169 -5.16 -0.07 19.01
C CYS A 169 -4.81 1.39 19.26
N ALA A 170 -3.80 1.67 20.07
CA ALA A 170 -3.50 3.04 20.45
C ALA A 170 -2.11 3.23 21.02
N GLY A 171 -1.73 4.49 21.23
CA GLY A 171 -0.45 4.82 21.82
C GLY A 171 -0.38 6.29 22.21
N SER A 172 0.77 6.72 22.73
CA SER A 172 1.02 8.11 23.07
C SER A 172 2.52 8.37 23.03
N ASP A 173 2.91 9.62 22.81
CA ASP A 173 4.33 9.97 22.81
C ASP A 173 4.91 9.93 24.21
N ASP A 174 4.08 10.18 25.20
CA ASP A 174 4.53 10.28 26.59
C ASP A 174 3.41 9.92 27.56
N VAL A 175 3.75 9.77 28.83
CA VAL A 175 2.76 9.53 29.87
C VAL A 175 3.03 10.42 31.06
N VAL A 176 2.01 10.60 31.88
CA VAL A 176 2.20 11.25 33.18
C VAL A 176 2.34 10.15 34.21
N PHE A 177 3.28 10.32 35.13
CA PHE A 177 3.49 9.32 36.17
C PHE A 177 2.88 9.79 37.48
N MET A 178 1.99 8.96 38.02
N MET A 178 1.97 8.99 38.03
CA MET A 178 1.28 9.27 39.26
CA MET A 178 1.51 9.19 39.39
C MET A 178 0.62 8.02 39.85
C MET A 178 0.66 8.02 39.86
N ASP A 179 0.34 8.03 41.14
CA ASP A 179 -0.50 7.00 41.76
C ASP A 179 -1.95 7.47 41.76
N THR A 180 -2.76 7.04 40.80
CA THR A 180 -4.13 7.53 40.69
C THR A 180 -5.02 7.02 41.81
N THR A 181 -4.67 5.87 42.38
CA THR A 181 -5.42 5.29 43.48
C THR A 181 -5.47 6.26 44.66
N THR A 182 -4.32 6.85 44.96
CA THR A 182 -4.17 7.72 46.13
C THR A 182 -4.13 9.20 45.75
N GLY A 183 -4.01 9.49 44.47
CA GLY A 183 -3.87 10.87 44.03
C GLY A 183 -2.54 11.48 44.43
N LYS A 184 -1.58 10.63 44.81
CA LYS A 184 -0.25 11.09 45.20
C LYS A 184 0.75 11.01 44.06
N SER A 185 1.73 11.91 44.07
CA SER A 185 2.89 11.77 43.20
C SER A 185 3.75 10.66 43.76
N ASN A 186 4.61 10.09 42.93
CA ASN A 186 5.54 9.07 43.40
C ASN A 186 6.93 9.32 42.82
N ILE A 187 7.81 8.33 42.96
CA ILE A 187 9.22 8.52 42.61
C ILE A 187 9.42 8.68 41.10
N TRP A 188 8.39 8.35 40.32
CA TRP A 188 8.46 8.42 38.86
C TRP A 188 7.86 9.71 38.26
N THR A 189 7.20 10.51 39.08
CA THR A 189 6.52 11.70 38.58
C THR A 189 7.50 12.68 37.93
N SER A 190 8.72 12.76 38.46
CA SER A 190 9.72 13.71 37.96
C SER A 190 10.48 13.22 36.73
N TYR A 191 10.09 12.04 36.22
CA TYR A 191 10.72 11.40 35.07
C TYR A 191 10.90 12.39 33.91
N LYS A 192 12.14 12.58 33.47
CA LYS A 192 12.47 13.66 32.54
C LYS A 192 12.37 13.28 31.06
N LEU A 193 12.58 12.00 30.75
CA LEU A 193 12.50 11.50 29.39
C LEU A 193 11.05 11.21 28.98
N GLN A 194 10.75 11.32 27.69
CA GLN A 194 9.47 10.84 27.19
C GLN A 194 9.39 9.32 27.33
N HIS A 195 8.25 8.85 27.82
CA HIS A 195 7.97 7.41 27.97
C HIS A 195 6.68 7.08 27.22
N PRO A 196 6.79 6.74 25.92
CA PRO A 196 5.57 6.49 25.12
C PRO A 196 4.76 5.29 25.60
N SER A 197 3.48 5.28 25.25
CA SER A 197 2.60 4.15 25.56
C SER A 197 2.24 3.41 24.30
N GLU A 198 2.07 2.09 24.43
CA GLU A 198 1.53 1.26 23.37
C GLU A 198 0.42 0.43 24.01
N ILE A 199 -0.79 0.51 23.44
CA ILE A 199 -1.99 0.01 24.10
C ILE A 199 -2.77 -1.03 23.29
N MET A 200 -3.26 -2.05 24.00
CA MET A 200 -3.99 -3.17 23.42
C MET A 200 -5.47 -3.12 23.81
N ILE A 201 -6.32 -3.66 22.93
CA ILE A 201 -7.72 -3.93 23.25
C ILE A 201 -8.00 -5.40 22.96
N THR A 202 -8.80 -6.05 23.81
CA THR A 202 -9.12 -7.45 23.59
C THR A 202 -10.30 -7.59 22.66
N LEU A 203 -10.55 -8.81 22.20
CA LEU A 203 -11.66 -9.08 21.32
C LEU A 203 -13.00 -8.88 22.04
N ASN A 204 -12.95 -8.77 23.36
CA ASN A 204 -14.12 -8.43 24.15
C ASN A 204 -14.10 -6.98 24.63
N ASN A 205 -13.41 -6.14 23.86
CA ASN A 205 -13.38 -4.68 24.11
C ASN A 205 -12.79 -4.29 25.47
N GLU A 206 -12.01 -5.17 26.08
CA GLU A 206 -11.31 -4.81 27.30
C GLU A 206 -10.05 -4.02 26.95
N ILE A 207 -9.89 -2.86 27.59
CA ILE A 207 -8.72 -2.01 27.36
C ILE A 207 -8.37 -1.32 28.67
N ASN A 208 -7.09 -1.33 29.03
CA ASN A 208 -6.68 -0.79 30.32
C ASN A 208 -6.51 0.72 30.25
N LEU A 209 -7.65 1.40 30.18
CA LEU A 209 -7.73 2.86 30.18
C LEU A 209 -9.00 3.27 30.89
N PRO A 210 -9.02 4.47 31.48
CA PRO A 210 -10.32 4.95 31.98
C PRO A 210 -11.28 5.17 30.81
N ASN A 211 -12.57 4.98 31.05
CA ASN A 211 -13.58 5.14 30.00
C ASN A 211 -13.27 4.31 28.74
N PRO A 212 -13.25 2.98 28.87
CA PRO A 212 -12.95 2.05 27.77
C PRO A 212 -14.04 1.97 26.69
N ALA A 213 -15.28 2.27 27.07
CA ALA A 213 -16.43 2.09 26.18
C ALA A 213 -16.35 2.92 24.90
N ASN A 214 -15.76 4.11 25.00
CA ASN A 214 -15.62 5.00 23.85
C ASN A 214 -14.25 5.65 23.82
N TYR A 215 -13.22 4.87 24.19
CA TYR A 215 -11.86 5.35 24.25
C TYR A 215 -11.41 5.90 22.90
N ASP A 216 -11.90 5.29 21.82
CA ASP A 216 -11.42 5.59 20.48
C ASP A 216 -12.01 6.88 19.92
N PHE A 217 -13.02 7.42 20.59
CA PHE A 217 -13.65 8.67 20.16
C PHE A 217 -13.20 9.84 21.03
N GLU A 218 -12.51 9.53 22.12
CA GLU A 218 -12.08 10.54 23.07
C GLU A 218 -10.56 10.49 23.15
N THR A 219 -9.98 11.46 23.83
CA THR A 219 -8.52 11.48 24.00
C THR A 219 -8.18 12.20 25.29
N THR A 220 -7.45 11.50 26.14
CA THR A 220 -6.98 12.04 27.42
C THR A 220 -5.50 11.80 27.53
N LYS A 221 -4.91 12.27 28.63
CA LYS A 221 -3.51 11.99 28.88
C LYS A 221 -3.46 10.55 29.35
N VAL A 222 -2.35 9.88 29.12
CA VAL A 222 -2.18 8.52 29.61
C VAL A 222 -1.40 8.59 30.89
N VAL A 223 -1.94 7.96 31.93
CA VAL A 223 -1.33 7.99 33.25
C VAL A 223 -0.82 6.61 33.65
N TYR A 224 0.48 6.54 33.92
CA TYR A 224 1.11 5.32 34.39
C TYR A 224 1.48 5.51 35.85
N GLN A 225 1.53 4.42 36.61
CA GLN A 225 2.02 4.49 37.98
C GLN A 225 3.52 4.30 38.01
N HIS A 226 4.03 3.61 36.99
CA HIS A 226 5.44 3.27 36.95
C HIS A 226 5.81 2.83 35.55
N PRO A 227 7.12 2.78 35.23
CA PRO A 227 7.49 2.22 33.92
C PRO A 227 7.01 0.78 33.79
N LEU A 228 6.90 0.28 32.57
CA LEU A 228 6.48 -1.10 32.37
C LEU A 228 7.39 -2.02 33.17
N ARG A 229 6.78 -2.92 33.94
CA ARG A 229 7.54 -3.77 34.85
C ARG A 229 6.84 -5.07 35.19
N ASN A 230 7.64 -6.09 35.47
CA ASN A 230 7.19 -7.35 36.04
C ASN A 230 7.52 -7.35 37.54
N VAL A 231 6.58 -7.81 38.36
CA VAL A 231 6.74 -7.72 39.82
C VAL A 231 7.96 -8.53 40.31
N CYS A 232 8.05 -9.80 39.90
CA CYS A 232 9.18 -10.63 40.33
C CYS A 232 10.51 -10.05 39.88
N ALA A 233 10.57 -9.61 38.63
CA ALA A 233 11.77 -9.02 38.06
C ALA A 233 12.16 -7.73 38.80
N THR A 234 11.16 -6.93 39.17
CA THR A 234 11.40 -5.67 39.86
C THR A 234 12.00 -5.95 41.25
N LEU A 235 11.44 -6.94 41.92
CA LEU A 235 11.91 -7.31 43.26
C LEU A 235 13.34 -7.84 43.21
N GLU A 236 13.61 -8.70 42.24
CA GLU A 236 14.95 -9.26 42.03
C GLU A 236 15.97 -8.15 41.77
N THR A 237 15.59 -7.19 40.95
CA THR A 237 16.45 -6.08 40.61
C THR A 237 16.75 -5.22 41.84
N LEU A 238 15.71 -4.88 42.61
CA LEU A 238 15.88 -4.03 43.77
C LEU A 238 16.67 -4.72 44.89
N GLN A 239 16.46 -6.02 45.04
CA GLN A 239 17.19 -6.78 46.05
C GLN A 239 18.68 -6.77 45.74
N HIS A 240 18.99 -6.99 44.46
CA HIS A 240 20.37 -7.00 43.99
C HIS A 240 21.08 -5.65 44.21
N LEU A 241 20.36 -4.55 43.97
CA LEU A 241 20.97 -3.23 44.10
C LEU A 241 21.17 -2.81 45.55
N THR A 242 20.25 -3.21 46.42
CA THR A 242 20.17 -2.63 47.76
C THR A 242 20.50 -3.59 48.91
N ASN A 243 20.56 -4.88 48.62
CA ASN A 243 20.69 -5.88 49.67
C ASN A 243 21.28 -7.17 49.12
N LYS A 244 22.58 -7.16 48.86
CA LYS A 244 23.22 -8.22 48.09
C LYS A 244 23.20 -9.58 48.80
N THR A 245 23.21 -9.57 50.13
CA THR A 245 23.15 -10.81 50.90
C THR A 245 21.71 -11.24 51.16
N ASN A 246 20.77 -10.41 50.70
CA ASN A 246 19.34 -10.69 50.88
C ASN A 246 18.92 -10.99 52.31
N ALA A 247 19.46 -10.23 53.27
CA ALA A 247 18.99 -10.34 54.64
C ALA A 247 17.52 -9.95 54.66
N LYS A 248 16.73 -10.60 55.52
CA LYS A 248 15.31 -10.32 55.60
C LYS A 248 15.12 -8.90 56.13
N LEU A 249 14.53 -8.04 55.30
CA LEU A 249 14.24 -6.66 55.69
C LEU A 249 12.73 -6.45 55.59
N PRO A 250 12.17 -5.59 56.46
CA PRO A 250 10.72 -5.43 56.41
C PRO A 250 10.24 -4.72 55.14
N TYR A 251 8.99 -4.96 54.79
CA TYR A 251 8.37 -4.33 53.64
C TYR A 251 8.31 -2.81 53.78
N ASP A 252 8.75 -2.11 52.74
CA ASP A 252 8.63 -0.66 52.69
C ASP A 252 7.38 -0.33 51.87
N SER A 253 6.46 0.41 52.47
CA SER A 253 5.17 0.66 51.85
C SER A 253 5.27 1.49 50.57
N ARG A 254 6.39 2.16 50.36
CA ARG A 254 6.58 2.92 49.13
C ARG A 254 6.71 2.01 47.91
N LEU A 255 6.92 0.72 48.13
CA LEU A 255 6.90 -0.25 47.03
C LEU A 255 5.54 -0.27 46.36
N LEU A 256 4.49 -0.02 47.15
CA LEU A 256 3.14 0.00 46.61
C LEU A 256 2.91 1.26 45.78
N SER A 257 3.29 2.43 46.30
CA SER A 257 3.05 3.67 45.60
C SER A 257 4.00 3.85 44.41
N ASP A 258 5.22 3.34 44.53
CA ASP A 258 6.23 3.54 43.49
C ASP A 258 6.24 2.44 42.42
N PHE A 259 5.81 1.23 42.78
CA PHE A 259 5.90 0.09 41.87
C PHE A 259 4.63 -0.75 41.82
N ASN A 260 3.62 -0.38 42.62
CA ASN A 260 2.41 -1.19 42.76
C ASN A 260 2.78 -2.65 43.07
N ILE A 261 3.67 -2.80 44.04
CA ILE A 261 4.01 -4.09 44.59
C ILE A 261 3.48 -4.14 46.01
N THR A 262 2.72 -5.18 46.32
CA THR A 262 2.08 -5.29 47.63
C THR A 262 2.98 -5.96 48.65
N ALA A 263 2.58 -5.87 49.91
CA ALA A 263 3.30 -6.53 50.99
C ALA A 263 3.24 -8.03 50.78
N GLU A 264 2.08 -8.54 50.38
CA GLU A 264 1.89 -9.96 50.13
C GLU A 264 2.86 -10.45 49.06
N GLN A 265 3.02 -9.68 47.99
CA GLN A 265 3.92 -10.04 46.90
C GLN A 265 5.37 -10.02 47.39
N TYR A 266 5.71 -8.99 48.15
CA TYR A 266 7.06 -8.82 48.69
C TYR A 266 7.49 -10.01 49.53
N ASN A 267 6.68 -10.38 50.52
CA ASN A 267 6.97 -11.52 51.36
C ASN A 267 6.92 -12.84 50.60
N GLN A 268 6.04 -12.91 49.59
CA GLN A 268 5.86 -14.13 48.82
C GLN A 268 7.12 -14.50 48.03
N TYR A 269 7.74 -13.51 47.40
CA TYR A 269 8.88 -13.78 46.51
C TYR A 269 10.20 -13.88 47.24
N GLY A 270 10.30 -13.29 48.42
CA GLY A 270 11.51 -13.40 49.22
C GLY A 270 12.71 -12.68 48.66
N TYR A 271 12.48 -11.66 47.81
CA TYR A 271 13.54 -10.74 47.41
C TYR A 271 13.45 -9.51 48.30
N TYR A 272 14.30 -9.46 49.31
CA TYR A 272 14.22 -8.41 50.32
C TYR A 272 15.03 -7.17 49.94
N ILE A 273 14.47 -6.01 50.29
CA ILE A 273 14.94 -4.73 49.78
C ILE A 273 15.21 -3.71 50.88
N ASP A 274 16.31 -2.98 50.73
CA ASP A 274 16.58 -1.80 51.53
C ASP A 274 16.09 -0.63 50.69
N TYR A 275 14.83 -0.24 50.88
CA TYR A 275 14.24 0.72 49.96
C TYR A 275 14.81 2.11 50.18
N ASN A 276 15.21 2.42 51.41
CA ASN A 276 15.85 3.69 51.70
C ASN A 276 17.12 3.85 50.87
N ASN A 277 17.86 2.76 50.72
CA ASN A 277 19.04 2.76 49.88
C ASN A 277 18.69 3.05 48.43
N PHE A 278 17.59 2.48 47.96
CA PHE A 278 17.15 2.69 46.58
C PHE A 278 16.77 4.16 46.37
N VAL A 279 15.97 4.72 47.29
CA VAL A 279 15.55 6.11 47.19
C VAL A 279 16.74 7.07 47.24
N ASN A 280 17.70 6.81 48.13
CA ASN A 280 18.83 7.70 48.32
C ASN A 280 19.85 7.64 47.18
N ASN A 281 19.72 6.62 46.33
CA ASN A 281 20.61 6.48 45.17
C ASN A 281 19.79 6.32 43.90
N PHE A 282 18.57 6.87 43.92
CA PHE A 282 17.62 6.67 42.84
C PHE A 282 18.20 6.98 41.47
N ASN A 283 18.80 8.17 41.34
CA ASN A 283 19.30 8.63 40.06
C ASN A 283 20.39 7.74 39.50
N ARG A 284 21.33 7.35 40.35
CA ARG A 284 22.43 6.49 39.91
C ARG A 284 21.89 5.12 39.48
N TYR A 285 21.00 4.55 40.29
CA TYR A 285 20.48 3.21 40.02
C TYR A 285 19.64 3.15 38.75
N THR A 286 18.97 4.25 38.41
CA THR A 286 18.10 4.28 37.23
C THR A 286 18.78 4.79 35.96
N THR A 287 20.03 5.26 36.07
CA THR A 287 20.75 5.75 34.89
C THR A 287 22.03 4.98 34.60
N THR A 288 22.41 4.07 35.50
CA THR A 288 23.60 3.24 35.30
C THR A 288 23.16 1.79 35.15
N THR A 289 23.93 1.01 34.39
CA THR A 289 23.52 -0.35 34.07
C THR A 289 23.88 -1.36 35.15
N ILE A 290 23.14 -2.46 35.15
CA ILE A 290 23.44 -3.63 35.96
C ILE A 290 24.02 -4.64 34.98
N GLY A 291 25.32 -4.88 35.09
CA GLY A 291 26.02 -5.53 34.00
C GLY A 291 26.02 -4.55 32.84
N THR A 292 25.39 -4.95 31.74
CA THR A 292 25.16 -4.05 30.61
C THR A 292 23.67 -3.79 30.42
N LYS A 293 22.86 -4.28 31.35
CA LYS A 293 21.41 -4.13 31.28
C LYS A 293 20.95 -2.80 31.87
N SER A 294 20.02 -2.14 31.20
CA SER A 294 19.38 -0.94 31.74
C SER A 294 18.46 -1.31 32.89
N PHE A 295 18.17 -0.35 33.76
CA PHE A 295 17.23 -0.57 34.86
C PHE A 295 15.86 -0.96 34.33
N GLU A 296 15.41 -0.27 33.28
CA GLU A 296 14.10 -0.51 32.70
C GLU A 296 13.97 -1.92 32.09
N THR A 297 15.06 -2.42 31.53
CA THR A 297 15.09 -3.78 31.01
C THR A 297 15.02 -4.77 32.17
N CYS A 298 15.76 -4.48 33.24
CA CYS A 298 15.85 -5.39 34.38
C CYS A 298 14.52 -5.59 35.11
N ILE A 299 13.73 -4.52 35.24
CA ILE A 299 12.48 -4.63 35.98
C ILE A 299 11.39 -5.27 35.10
N LYS A 300 11.69 -5.42 33.80
CA LYS A 300 10.85 -6.19 32.90
C LYS A 300 11.21 -7.67 32.90
N TYR A 301 12.48 -7.97 32.64
CA TYR A 301 12.91 -9.33 32.30
C TYR A 301 13.71 -10.05 33.39
N GLY A 302 14.15 -9.32 34.41
CA GLY A 302 15.01 -9.89 35.44
C GLY A 302 16.47 -9.71 35.12
N LEU A 303 17.35 -10.25 35.96
CA LEU A 303 18.79 -10.00 35.83
C LEU A 303 19.44 -10.93 34.82
N MET A 304 18.67 -11.90 34.32
CA MET A 304 19.11 -12.77 33.24
C MET A 304 20.44 -13.41 33.60
N ASP A 305 20.57 -13.79 34.87
CA ASP A 305 21.78 -14.41 35.38
C ASP A 305 21.62 -15.93 35.41
N SER B 1 10.13 0.91 27.72
CA SER B 1 9.09 1.47 26.82
C SER B 1 9.46 1.24 25.36
N ALA B 2 8.56 1.61 24.46
CA ALA B 2 8.82 1.46 23.04
C ALA B 2 10.03 2.29 22.57
N ALA B 3 10.39 3.30 23.36
CA ALA B 3 11.49 4.18 22.97
C ALA B 3 12.83 3.44 22.95
N SER B 4 12.92 2.36 23.72
CA SER B 4 14.20 1.65 23.87
C SER B 4 14.16 0.23 23.28
N ASN B 5 13.02 -0.17 22.74
CA ASN B 5 12.88 -1.48 22.13
C ASN B 5 13.08 -1.41 20.62
N PRO B 6 14.14 -2.07 20.09
CA PRO B 6 14.40 -2.02 18.64
C PRO B 6 13.19 -2.46 17.81
N SER B 7 12.37 -3.34 18.35
CA SER B 7 11.11 -3.71 17.72
C SER B 7 11.32 -4.22 16.30
N ILE B 8 12.35 -5.04 16.11
CA ILE B 8 12.74 -5.48 14.77
C ILE B 8 11.63 -6.31 14.13
N SER B 9 11.37 -6.01 12.87
CA SER B 9 10.41 -6.77 12.07
C SER B 9 11.11 -7.94 11.41
N HIS B 10 10.69 -9.15 11.78
CA HIS B 10 11.19 -10.38 11.19
C HIS B 10 10.09 -11.06 10.40
N ILE B 11 10.40 -11.47 9.17
CA ILE B 11 9.43 -12.19 8.36
C ILE B 11 9.20 -13.55 9.03
N VAL B 12 7.93 -13.86 9.27
CA VAL B 12 7.52 -15.11 9.90
C VAL B 12 7.82 -16.33 9.04
N LEU B 13 8.60 -17.28 9.57
CA LEU B 13 8.84 -18.53 8.85
C LEU B 13 7.89 -19.62 9.30
N GLU B 14 7.19 -20.21 8.34
CA GLU B 14 6.36 -21.39 8.57
C GLU B 14 7.20 -22.66 8.34
N MET B 15 7.77 -23.20 9.42
CA MET B 15 8.57 -24.41 9.35
C MET B 15 8.05 -25.45 10.33
N PRO B 16 8.03 -26.72 9.92
CA PRO B 16 7.60 -27.75 10.88
C PRO B 16 8.68 -28.01 11.92
N VAL B 17 8.30 -28.50 13.09
CA VAL B 17 9.27 -28.78 14.14
C VAL B 17 10.27 -29.85 13.68
N ALA B 18 9.87 -30.65 12.70
CA ALA B 18 10.72 -31.72 12.18
C ALA B 18 11.91 -31.21 11.38
N ILE B 19 11.98 -29.91 11.14
CA ILE B 19 13.14 -29.31 10.46
C ILE B 19 14.33 -29.27 11.40
N ASN B 20 14.07 -29.43 12.69
CA ASN B 20 15.09 -29.24 13.71
C ASN B 20 15.02 -30.33 14.78
N PRO B 21 15.15 -31.60 14.34
CA PRO B 21 14.94 -32.75 15.23
C PRO B 21 16.06 -32.94 16.24
N LEU B 22 15.70 -33.25 17.47
CA LEU B 22 16.67 -33.60 18.50
C LEU B 22 17.25 -34.99 18.24
N ILE B 23 18.56 -35.04 18.02
CA ILE B 23 19.27 -36.30 17.85
C ILE B 23 20.03 -36.64 19.13
N LYS B 24 19.93 -37.89 19.58
CA LYS B 24 20.58 -38.31 20.80
C LYS B 24 21.52 -39.49 20.52
N TYR B 25 22.75 -39.39 21.02
CA TYR B 25 23.77 -40.42 20.82
C TYR B 25 24.20 -41.04 22.15
N THR B 26 23.85 -42.31 22.34
CA THR B 26 24.10 -43.02 23.60
C THR B 26 25.11 -44.14 23.41
N SER B 32 24.86 -37.96 24.91
CA SER B 32 25.07 -36.74 24.14
C SER B 32 23.88 -36.44 23.24
N SER B 33 23.63 -35.16 22.97
CA SER B 33 22.52 -34.78 22.10
C SER B 33 22.60 -33.33 21.59
N LEU B 34 22.09 -33.13 20.38
CA LEU B 34 21.93 -31.80 19.80
C LEU B 34 20.82 -31.86 18.75
N ARG B 35 20.55 -30.75 18.08
CA ARG B 35 19.57 -30.74 16.99
C ARG B 35 20.25 -30.87 15.64
N GLY B 36 19.61 -31.62 14.76
CA GLY B 36 19.97 -31.60 13.35
C GLY B 36 19.24 -30.44 12.70
N ALA B 37 19.72 -30.01 11.53
CA ALA B 37 19.05 -28.98 10.77
C ALA B 37 18.76 -29.53 9.39
N VAL B 38 17.48 -29.71 9.09
CA VAL B 38 17.07 -30.25 7.80
C VAL B 38 16.94 -29.11 6.81
N VAL B 39 17.94 -28.97 5.94
CA VAL B 39 18.00 -27.85 5.02
C VAL B 39 18.03 -28.34 3.57
N ASN B 40 16.93 -28.11 2.88
CA ASN B 40 16.82 -28.35 1.44
C ASN B 40 17.23 -29.75 1.00
N GLY B 41 16.66 -30.77 1.66
CA GLY B 41 16.83 -32.14 1.25
C GLY B 41 17.89 -32.91 2.02
N TYR B 42 18.62 -32.23 2.89
CA TYR B 42 19.69 -32.85 3.67
C TYR B 42 19.62 -32.43 5.12
N ILE B 43 19.91 -33.37 6.02
CA ILE B 43 20.04 -33.06 7.43
C ILE B 43 21.51 -32.82 7.75
N TYR B 44 21.78 -31.79 8.54
CA TYR B 44 23.13 -31.44 8.96
C TYR B 44 23.28 -31.66 10.45
N ILE B 45 24.24 -32.52 10.80
CA ILE B 45 24.50 -32.88 12.18
C ILE B 45 25.93 -32.51 12.53
N GLN B 46 26.11 -31.63 13.51
CA GLN B 46 27.44 -31.25 13.96
C GLN B 46 28.16 -32.45 14.56
N ARG B 47 29.41 -32.64 14.16
CA ARG B 47 30.10 -33.90 14.43
C ARG B 47 30.37 -34.11 15.91
N HIS B 48 30.45 -33.04 16.69
CA HIS B 48 30.83 -33.16 18.10
C HIS B 48 29.76 -33.86 18.93
N LEU B 49 28.64 -34.23 18.30
CA LEU B 49 27.67 -35.13 18.90
C LEU B 49 28.32 -36.41 19.41
N PHE B 50 29.36 -36.86 18.72
CA PHE B 50 30.02 -38.12 19.03
C PHE B 50 31.30 -37.95 19.87
N GLY B 51 31.60 -36.72 20.25
CA GLY B 51 32.74 -36.43 21.10
C GLY B 51 33.35 -35.08 20.77
N SER B 52 34.02 -34.47 21.74
CA SER B 52 34.57 -33.12 21.58
C SER B 52 36.09 -33.12 21.51
N LYS B 53 36.66 -34.29 21.22
CA LYS B 53 38.08 -34.40 20.94
C LYS B 53 38.22 -35.39 19.78
N LYS B 54 39.28 -35.24 18.99
CA LYS B 54 39.45 -36.01 17.77
C LYS B 54 39.32 -37.51 18.01
N GLN B 55 40.04 -38.02 19.00
CA GLN B 55 40.06 -39.45 19.29
C GLN B 55 38.68 -39.99 19.66
N GLU B 56 37.99 -39.31 20.56
CA GLU B 56 36.68 -39.76 21.02
C GLU B 56 35.67 -39.80 19.87
N PHE B 57 35.67 -38.75 19.06
CA PHE B 57 34.73 -38.64 17.94
C PHE B 57 34.90 -39.75 16.92
N GLU B 58 36.13 -39.94 16.45
CA GLU B 58 36.40 -40.89 15.39
C GLU B 58 36.06 -42.31 15.80
N ALA B 59 36.24 -42.61 17.09
CA ALA B 59 35.91 -43.93 17.61
C ALA B 59 34.40 -44.13 17.65
N CYS B 60 33.69 -43.11 18.15
CA CYS B 60 32.24 -43.19 18.31
C CYS B 60 31.50 -43.05 16.98
N TYR B 61 31.95 -42.14 16.12
CA TYR B 61 31.32 -41.96 14.83
C TYR B 61 31.58 -43.22 14.00
N ASN B 62 32.80 -43.73 14.11
CA ASN B 62 33.19 -45.00 13.50
C ASN B 62 32.88 -45.04 12.01
N ASN B 63 33.35 -44.02 11.29
CA ASN B 63 33.18 -43.95 9.84
C ASN B 63 31.71 -44.04 9.42
N GLY B 64 30.82 -43.58 10.30
CA GLY B 64 29.39 -43.55 10.00
C GLY B 64 28.61 -44.65 10.70
N LYS B 65 29.31 -45.63 11.28
CA LYS B 65 28.66 -46.70 12.00
C LYS B 65 27.88 -46.16 13.20
N GLY B 66 28.40 -45.10 13.81
CA GLY B 66 27.81 -44.51 15.00
C GLY B 66 26.39 -44.01 14.82
N LEU B 67 26.03 -43.66 13.58
CA LEU B 67 24.70 -43.14 13.28
C LEU B 67 23.62 -44.16 13.65
N LEU B 68 24.00 -45.44 13.62
CA LEU B 68 23.07 -46.51 13.95
C LEU B 68 22.71 -46.48 15.44
N ASN B 69 23.50 -45.74 16.22
CA ASN B 69 23.28 -45.64 17.66
C ASN B 69 22.65 -44.30 18.05
N CYS B 70 22.05 -43.62 17.10
CA CYS B 70 21.39 -42.34 17.36
C CYS B 70 19.88 -42.47 17.42
N LYS B 71 19.28 -41.83 18.42
CA LYS B 71 17.83 -41.79 18.53
C LYS B 71 17.32 -40.69 17.61
N ASN B 72 16.09 -40.85 17.11
CA ASN B 72 15.46 -39.84 16.25
C ASN B 72 16.20 -39.63 14.93
N LEU B 73 16.82 -40.69 14.42
CA LEU B 73 17.51 -40.65 13.13
C LEU B 73 17.15 -41.89 12.31
N GLU B 74 15.85 -42.12 12.15
CA GLU B 74 15.35 -43.35 11.54
C GLU B 74 15.75 -43.50 10.07
N ARG B 75 16.15 -44.71 9.69
CA ARG B 75 16.50 -45.02 8.31
C ARG B 75 15.33 -44.76 7.36
N SER B 76 14.12 -44.78 7.90
CA SER B 76 12.92 -44.49 7.12
C SER B 76 12.91 -43.05 6.60
N LYS B 77 13.45 -42.13 7.39
CA LYS B 77 13.46 -40.73 7.02
C LYS B 77 14.72 -40.34 6.24
N TYR B 78 15.86 -40.84 6.69
CA TYR B 78 17.16 -40.44 6.15
C TYR B 78 17.90 -41.61 5.51
N ASP B 79 18.64 -41.32 4.44
CA ASP B 79 19.47 -42.33 3.79
C ASP B 79 20.84 -42.36 4.47
N ILE B 80 20.92 -43.08 5.58
CA ILE B 80 22.11 -43.12 6.43
C ILE B 80 23.36 -43.57 5.69
N ASP B 81 23.24 -44.61 4.86
CA ASP B 81 24.38 -45.19 4.18
C ASP B 81 25.11 -44.18 3.30
N SER B 82 24.42 -43.12 2.90
CA SER B 82 25.00 -42.08 2.05
C SER B 82 25.42 -40.88 2.88
N ALA B 83 25.64 -41.09 4.17
CA ALA B 83 26.13 -40.01 5.02
C ALA B 83 27.50 -39.59 4.55
N GLU B 84 27.79 -38.30 4.63
CA GLU B 84 29.08 -37.76 4.23
C GLU B 84 29.57 -36.85 5.32
N LEU B 85 30.79 -37.10 5.79
CA LEU B 85 31.43 -36.21 6.75
C LEU B 85 32.11 -35.10 5.98
N ILE B 86 31.52 -33.91 6.05
CA ILE B 86 32.05 -32.74 5.36
C ILE B 86 32.55 -31.74 6.39
N GLY B 87 33.87 -31.68 6.53
CA GLY B 87 34.50 -30.82 7.52
C GLY B 87 34.06 -31.19 8.92
N THR B 88 33.41 -30.26 9.61
CA THR B 88 32.94 -30.50 10.97
C THR B 88 31.46 -30.91 10.99
N LEU B 89 30.88 -31.09 9.80
CA LEU B 89 29.46 -31.41 9.68
C LEU B 89 29.20 -32.79 9.07
N ILE B 90 28.21 -33.48 9.61
CA ILE B 90 27.73 -34.73 9.03
C ILE B 90 26.46 -34.44 8.24
N ARG B 91 26.54 -34.64 6.92
CA ARG B 91 25.40 -34.38 6.04
C ARG B 91 24.82 -35.68 5.51
N ILE B 92 23.51 -35.85 5.70
CA ILE B 92 22.81 -37.04 5.24
C ILE B 92 21.62 -36.64 4.38
N PRO B 93 21.47 -37.27 3.19
CA PRO B 93 20.30 -36.93 2.37
C PRO B 93 18.99 -37.49 2.92
N LEU B 94 17.90 -36.72 2.80
CA LEU B 94 16.56 -37.25 3.00
C LEU B 94 16.18 -38.19 1.88
N HIS B 95 15.37 -39.21 2.18
CA HIS B 95 14.83 -40.07 1.15
C HIS B 95 13.91 -39.25 0.24
N ASP B 96 13.04 -38.45 0.87
CA ASP B 96 12.16 -37.54 0.16
C ASP B 96 12.69 -36.13 0.39
N LYS B 97 13.39 -35.60 -0.60
CA LYS B 97 14.09 -34.32 -0.46
C LYS B 97 13.17 -33.16 -0.10
N HIS B 98 11.89 -33.29 -0.42
CA HIS B 98 10.91 -32.24 -0.15
C HIS B 98 9.97 -32.57 1.02
N SER B 99 10.27 -33.65 1.74
CA SER B 99 9.46 -34.04 2.89
C SER B 99 9.44 -32.89 3.89
N ILE B 100 10.53 -32.12 3.90
CA ILE B 100 10.62 -30.89 4.68
C ILE B 100 10.69 -29.72 3.70
N PRO B 101 9.86 -28.69 3.91
CA PRO B 101 9.90 -27.60 2.93
C PRO B 101 11.25 -26.90 2.91
N HIS B 102 11.71 -26.53 1.73
CA HIS B 102 12.99 -25.88 1.56
C HIS B 102 12.93 -24.42 2.01
N ILE B 103 14.11 -23.87 2.30
CA ILE B 103 14.24 -22.53 2.83
C ILE B 103 15.25 -21.71 2.04
N SER B 104 15.16 -20.38 2.17
CA SER B 104 16.12 -19.50 1.53
C SER B 104 17.45 -19.51 2.26
N ILE B 105 18.54 -19.43 1.50
CA ILE B 105 19.90 -19.45 2.02
C ILE B 105 20.60 -18.11 1.78
N HIS B 106 21.17 -17.55 2.85
CA HIS B 106 21.94 -16.32 2.72
C HIS B 106 23.22 -16.61 1.92
N PRO B 107 23.52 -15.79 0.90
CA PRO B 107 24.64 -16.07 -0.01
C PRO B 107 26.06 -15.82 0.57
N ASP B 108 26.14 -15.16 1.72
CA ASP B 108 27.43 -14.85 2.35
C ASP B 108 27.23 -14.60 3.83
N PRO B 109 26.91 -15.65 4.60
CA PRO B 109 26.43 -15.53 5.98
C PRO B 109 27.37 -14.82 6.93
N LEU B 110 28.67 -15.09 6.87
CA LEU B 110 29.61 -14.49 7.80
C LEU B 110 29.84 -13.00 7.52
N SER B 111 29.27 -12.50 6.43
CA SER B 111 29.35 -11.07 6.12
C SER B 111 28.17 -10.32 6.73
N TYR B 112 27.17 -11.04 7.19
CA TYR B 112 25.97 -10.40 7.73
C TYR B 112 26.20 -9.75 9.10
N ASN B 113 25.64 -8.54 9.23
CA ASN B 113 25.64 -7.80 10.48
C ASN B 113 24.28 -7.14 10.70
N GLY B 114 23.57 -7.55 11.75
CA GLY B 114 22.25 -7.00 12.04
C GLY B 114 21.37 -7.95 12.83
N PRO B 115 20.08 -7.60 12.99
CA PRO B 115 19.12 -8.44 13.71
C PRO B 115 19.00 -9.84 13.13
N VAL B 116 18.78 -10.82 14.00
CA VAL B 116 18.60 -12.20 13.57
C VAL B 116 17.55 -12.89 14.44
N THR B 117 17.06 -14.03 13.96
CA THR B 117 16.26 -14.92 14.78
C THR B 117 16.96 -16.25 14.96
N LEU B 118 16.69 -16.91 16.08
CA LEU B 118 17.15 -18.27 16.32
C LEU B 118 15.95 -19.20 16.47
N TYR B 119 15.89 -20.23 15.64
CA TYR B 119 14.85 -21.24 15.74
C TYR B 119 15.39 -22.51 16.40
N LEU B 120 14.61 -23.03 17.35
CA LEU B 120 14.99 -24.22 18.10
C LEU B 120 13.76 -25.07 18.40
N SER B 121 13.86 -26.37 18.15
CA SER B 121 12.81 -27.28 18.59
C SER B 121 12.90 -27.49 20.08
N ARG B 122 11.76 -27.52 20.75
CA ARG B 122 11.68 -27.85 22.17
C ARG B 122 10.42 -28.60 22.52
N TYR B 123 10.49 -29.36 23.61
CA TYR B 123 9.31 -30.01 24.18
C TYR B 123 8.65 -29.08 25.20
N ASP B 124 7.38 -28.77 24.96
CA ASP B 124 6.61 -27.89 25.84
C ASP B 124 5.79 -28.74 26.81
N THR B 125 6.08 -28.60 28.10
CA THR B 125 5.38 -29.39 29.11
C THR B 125 3.94 -28.94 29.29
N GLU B 126 3.70 -27.65 29.10
CA GLU B 126 2.34 -27.09 29.21
C GLU B 126 1.41 -27.65 28.14
N LEU B 127 1.79 -27.53 26.88
CA LEU B 127 0.95 -27.97 25.77
C LEU B 127 1.13 -29.45 25.45
N ASN B 128 2.05 -30.10 26.17
CA ASN B 128 2.34 -31.52 25.97
C ASN B 128 2.66 -31.87 24.51
N LYS B 129 3.61 -31.15 23.91
CA LYS B 129 4.02 -31.43 22.53
C LYS B 129 5.38 -30.80 22.22
N ASP B 130 6.00 -31.26 21.13
CA ASP B 130 7.21 -30.64 20.58
C ASP B 130 6.90 -29.51 19.62
N VAL B 131 7.47 -28.34 19.87
CA VAL B 131 7.17 -27.15 19.09
C VAL B 131 8.44 -26.42 18.65
N LEU B 132 8.33 -25.68 17.56
CA LEU B 132 9.42 -24.85 17.08
C LEU B 132 9.38 -23.52 17.83
N CYS B 133 10.51 -23.09 18.36
CA CYS B 133 10.60 -21.85 19.13
C CYS B 133 11.50 -20.84 18.45
N VAL B 134 11.08 -19.58 18.45
CA VAL B 134 11.85 -18.50 17.85
C VAL B 134 12.31 -17.53 18.94
N HIS B 135 13.50 -16.96 18.73
CA HIS B 135 14.09 -15.98 19.65
C HIS B 135 14.70 -14.87 18.83
N THR B 136 14.66 -13.63 19.35
CA THR B 136 15.24 -12.50 18.62
C THR B 136 16.58 -12.08 19.24
N GLY B 137 17.47 -11.62 18.38
CA GLY B 137 18.77 -11.15 18.81
C GLY B 137 19.52 -10.41 17.72
N PHE B 138 20.83 -10.30 17.89
CA PHE B 138 21.70 -9.55 16.99
C PHE B 138 22.91 -10.40 16.62
N MET B 139 23.38 -10.28 15.39
CA MET B 139 24.56 -11.01 14.95
C MET B 139 25.56 -10.11 14.26
N SER B 140 26.83 -10.35 14.57
CA SER B 140 27.96 -9.69 13.92
C SER B 140 28.95 -10.73 13.42
N GLU B 141 28.98 -10.93 12.12
CA GLU B 141 29.90 -11.87 11.47
C GLU B 141 29.98 -13.23 12.18
N GLY B 142 28.83 -13.86 12.36
CA GLY B 142 28.77 -15.21 12.89
C GLY B 142 28.82 -15.32 14.40
N HIS B 143 28.74 -14.18 15.08
CA HIS B 143 28.69 -14.16 16.54
C HIS B 143 27.43 -13.43 16.98
N HIS B 144 26.61 -14.08 17.78
CA HIS B 144 25.31 -13.52 18.15
C HIS B 144 25.15 -13.36 19.66
N ASP B 145 23.97 -12.89 20.06
CA ASP B 145 23.72 -12.53 21.46
C ASP B 145 22.47 -13.20 22.03
N ILE B 146 22.03 -14.28 21.41
CA ILE B 146 20.88 -15.03 21.91
C ILE B 146 21.34 -16.12 22.87
N LYS B 147 20.81 -16.11 24.09
CA LYS B 147 21.19 -17.09 25.10
C LYS B 147 20.94 -18.51 24.65
N THR B 148 21.95 -19.35 24.82
CA THR B 148 21.82 -20.78 24.52
C THR B 148 22.33 -21.59 25.70
N VAL B 149 21.92 -22.84 25.76
CA VAL B 149 22.34 -23.75 26.82
C VAL B 149 22.85 -25.03 26.18
N PHE B 150 23.52 -25.87 26.97
CA PHE B 150 24.08 -27.12 26.47
C PHE B 150 22.99 -27.94 25.77
N GLY B 151 23.22 -28.26 24.51
CA GLY B 151 22.28 -29.04 23.72
C GLY B 151 21.59 -28.24 22.63
N ASP B 152 21.70 -26.91 22.69
CA ASP B 152 21.01 -26.05 21.75
C ASP B 152 21.74 -25.97 20.40
N CYS B 153 22.86 -26.68 20.27
CA CYS B 153 23.53 -26.75 18.99
C CYS B 153 22.59 -27.32 17.94
N GLY B 154 22.63 -26.73 16.75
CA GLY B 154 21.74 -27.12 15.67
C GLY B 154 20.63 -26.12 15.49
N GLY B 155 20.48 -25.21 16.46
CA GLY B 155 19.54 -24.12 16.32
C GLY B 155 19.85 -23.36 15.05
N MET B 156 18.82 -22.93 14.34
CA MET B 156 18.99 -22.35 13.02
C MET B 156 18.82 -20.84 13.07
N LEU B 157 19.84 -20.13 12.58
CA LEU B 157 19.84 -18.67 12.61
C LEU B 157 19.48 -18.07 11.25
N PHE B 158 18.56 -17.11 11.26
CA PHE B 158 18.06 -16.47 10.03
C PHE B 158 18.22 -14.95 10.10
N ASP B 159 18.34 -14.32 8.93
CA ASP B 159 18.29 -12.85 8.88
C ASP B 159 16.82 -12.44 8.85
N PRO B 160 16.53 -11.13 8.94
CA PRO B 160 15.14 -10.69 9.09
C PRO B 160 14.23 -11.03 7.90
N LYS B 161 14.82 -11.31 6.74
CA LYS B 161 14.04 -11.67 5.56
C LYS B 161 13.87 -13.18 5.43
N GLY B 162 14.34 -13.92 6.43
CA GLY B 162 14.14 -15.35 6.46
C GLY B 162 15.17 -16.15 5.70
N ARG B 163 16.35 -15.59 5.48
CA ARG B 163 17.42 -16.33 4.83
C ARG B 163 18.31 -16.98 5.87
N LEU B 164 18.56 -18.28 5.71
CA LEU B 164 19.35 -19.04 6.65
C LEU B 164 20.78 -18.50 6.67
N LEU B 165 21.27 -18.19 7.86
CA LEU B 165 22.64 -17.75 8.07
C LEU B 165 23.55 -18.93 8.44
N GLY B 166 23.07 -19.79 9.32
CA GLY B 166 23.85 -20.93 9.76
C GLY B 166 23.29 -21.58 11.01
N LEU B 167 24.13 -22.37 11.68
CA LEU B 167 23.72 -23.16 12.83
C LEU B 167 24.50 -22.76 14.08
N HIS B 168 23.80 -22.66 15.21
CA HIS B 168 24.48 -22.42 16.48
C HIS B 168 25.33 -23.63 16.83
N CYS B 169 26.56 -23.41 17.28
CA CYS B 169 27.50 -24.52 17.48
C CYS B 169 28.42 -24.39 18.70
N ALA B 170 28.60 -23.19 19.22
CA ALA B 170 29.55 -23.01 20.32
C ALA B 170 29.35 -21.71 21.08
N GLY B 171 30.03 -21.61 22.21
CA GLY B 171 29.98 -20.42 23.03
C GLY B 171 30.99 -20.44 24.16
N SER B 172 30.95 -19.41 24.98
CA SER B 172 31.80 -19.31 26.15
C SER B 172 31.11 -18.40 27.16
N ASP B 173 31.43 -18.58 28.43
CA ASP B 173 30.87 -17.74 29.49
C ASP B 173 31.44 -16.33 29.41
N ASP B 174 32.65 -16.22 28.89
CA ASP B 174 33.35 -14.95 28.83
C ASP B 174 34.29 -14.94 27.64
N VAL B 175 34.83 -13.77 27.32
CA VAL B 175 35.81 -13.63 26.26
C VAL B 175 36.97 -12.76 26.71
N VAL B 176 38.09 -12.89 26.02
CA VAL B 176 39.24 -12.02 26.20
C VAL B 176 39.20 -10.92 25.15
N PHE B 177 39.47 -9.68 25.57
CA PHE B 177 39.46 -8.54 24.67
C PHE B 177 40.88 -8.05 24.32
N MET B 178 41.14 -7.94 23.02
CA MET B 178 42.43 -7.47 22.51
C MET B 178 42.29 -7.13 21.02
N ASP B 179 43.29 -6.45 20.46
CA ASP B 179 43.34 -6.23 19.01
C ASP B 179 43.94 -7.46 18.34
N SER B 185 46.71 -4.99 23.26
CA SER B 185 45.53 -4.70 24.08
C SER B 185 44.81 -3.46 23.57
N ASN B 186 43.53 -3.34 23.92
CA ASN B 186 42.75 -2.16 23.58
C ASN B 186 41.89 -1.69 24.75
N ILE B 187 40.97 -0.78 24.47
CA ILE B 187 40.17 -0.14 25.52
C ILE B 187 39.21 -1.13 26.17
N TRP B 188 39.01 -2.28 25.52
CA TRP B 188 38.07 -3.28 26.00
C TRP B 188 38.75 -4.37 26.82
N THR B 189 40.07 -4.36 26.86
CA THR B 189 40.83 -5.40 27.56
C THR B 189 40.52 -5.44 29.06
N SER B 190 40.30 -4.26 29.64
CA SER B 190 40.04 -4.15 31.07
C SER B 190 38.59 -4.38 31.47
N TYR B 191 37.74 -4.72 30.49
CA TYR B 191 36.31 -4.90 30.75
C TYR B 191 36.07 -5.84 31.94
N LYS B 192 35.40 -5.32 32.96
CA LYS B 192 35.25 -6.04 34.22
C LYS B 192 33.98 -6.88 34.21
N GLN B 194 31.43 -10.01 32.79
CA GLN B 194 31.47 -11.15 31.87
C GLN B 194 30.71 -10.84 30.58
N HIS B 195 31.34 -11.18 29.45
CA HIS B 195 30.75 -11.00 28.13
C HIS B 195 30.72 -12.32 27.38
N PRO B 196 29.63 -13.11 27.54
CA PRO B 196 29.58 -14.43 26.90
C PRO B 196 29.62 -14.37 25.38
N SER B 197 30.04 -15.46 24.75
CA SER B 197 30.05 -15.55 23.29
C SER B 197 29.01 -16.57 22.84
N GLU B 198 28.42 -16.30 21.68
CA GLU B 198 27.53 -17.24 21.01
C GLU B 198 27.98 -17.33 19.56
N ILE B 199 28.28 -18.53 19.08
CA ILE B 199 28.99 -18.69 17.82
C ILE B 199 28.24 -19.56 16.82
N MET B 200 28.29 -19.15 15.56
CA MET B 200 27.59 -19.82 14.46
C MET B 200 28.58 -20.50 13.50
N ILE B 201 28.13 -21.57 12.86
CA ILE B 201 28.84 -22.16 11.72
C ILE B 201 27.88 -22.28 10.55
N THR B 202 28.37 -22.02 9.34
CA THR B 202 27.52 -22.11 8.14
C THR B 202 27.49 -23.55 7.63
N LEU B 203 26.57 -23.80 6.71
CA LEU B 203 26.44 -25.13 6.12
C LEU B 203 27.64 -25.49 5.27
N ASN B 204 28.47 -24.50 4.94
CA ASN B 204 29.72 -24.74 4.22
C ASN B 204 30.92 -24.66 5.18
N ASN B 205 30.66 -24.97 6.44
CA ASN B 205 31.70 -25.03 7.48
C ASN B 205 32.44 -23.72 7.71
N GLU B 206 31.85 -22.60 7.33
CA GLU B 206 32.44 -21.31 7.65
C GLU B 206 32.10 -20.95 9.08
N ILE B 207 33.13 -20.61 9.85
CA ILE B 207 32.95 -20.21 11.23
C ILE B 207 34.00 -19.17 11.58
N ASN B 208 33.56 -18.09 12.22
CA ASN B 208 34.45 -16.98 12.51
C ASN B 208 35.24 -17.20 13.81
N LEU B 209 36.21 -18.12 13.72
CA LEU B 209 37.13 -18.42 14.81
C LEU B 209 38.47 -18.78 14.19
N PRO B 210 39.57 -18.61 14.94
CA PRO B 210 40.85 -19.12 14.44
C PRO B 210 40.85 -20.63 14.31
N ASN B 211 41.62 -21.17 13.36
CA ASN B 211 41.68 -22.60 13.14
C ASN B 211 40.28 -23.22 12.99
N PRO B 212 39.55 -22.82 11.94
CA PRO B 212 38.18 -23.28 11.71
C PRO B 212 38.07 -24.76 11.35
N ALA B 213 39.13 -25.31 10.78
CA ALA B 213 39.10 -26.70 10.31
C ALA B 213 38.86 -27.64 11.48
N ASN B 214 39.36 -27.28 12.65
CA ASN B 214 39.18 -28.11 13.84
C ASN B 214 38.86 -27.28 15.08
N TYR B 215 38.07 -26.23 14.90
CA TYR B 215 37.69 -25.34 15.99
C TYR B 215 37.02 -26.09 17.14
N ASP B 216 36.30 -27.15 16.79
CA ASP B 216 35.45 -27.82 17.77
C ASP B 216 36.21 -28.81 18.67
N PHE B 217 37.42 -29.18 18.26
CA PHE B 217 38.25 -30.07 19.07
C PHE B 217 39.44 -29.37 19.70
N GLU B 218 39.78 -28.18 19.19
CA GLU B 218 41.04 -27.52 19.56
C GLU B 218 40.93 -26.11 20.16
N THR B 219 39.77 -25.46 20.02
CA THR B 219 39.59 -24.13 20.58
C THR B 219 39.56 -24.19 22.10
N THR B 220 40.31 -23.31 22.76
CA THR B 220 40.38 -23.29 24.22
C THR B 220 39.89 -21.94 24.78
N LYS B 221 39.98 -20.89 23.97
CA LYS B 221 39.48 -19.58 24.36
C LYS B 221 38.88 -18.82 23.19
N VAL B 222 37.92 -17.96 23.48
CA VAL B 222 37.35 -17.06 22.47
C VAL B 222 37.89 -15.65 22.67
N VAL B 223 38.43 -15.08 21.60
CA VAL B 223 39.04 -13.74 21.64
C VAL B 223 38.24 -12.75 20.79
N TYR B 224 37.74 -11.69 21.42
CA TYR B 224 37.02 -10.63 20.71
C TYR B 224 37.85 -9.35 20.66
N GLN B 225 37.57 -8.50 19.67
CA GLN B 225 38.17 -7.18 19.62
C GLN B 225 37.31 -6.16 20.34
N HIS B 226 36.01 -6.41 20.37
CA HIS B 226 35.06 -5.45 20.93
C HIS B 226 33.72 -6.14 21.15
N PRO B 227 32.82 -5.50 21.93
CA PRO B 227 31.47 -6.03 22.08
C PRO B 227 30.75 -6.10 20.74
N LEU B 228 29.70 -6.91 20.66
CA LEU B 228 28.91 -7.02 19.44
C LEU B 228 28.43 -5.62 19.04
N ARG B 229 28.64 -5.27 17.77
CA ARG B 229 28.33 -3.93 17.31
C ARG B 229 28.05 -3.83 15.82
N ASN B 230 27.22 -2.86 15.47
CA ASN B 230 27.03 -2.46 14.09
C ASN B 230 27.82 -1.18 13.84
N VAL B 231 28.50 -1.11 12.68
CA VAL B 231 29.42 -0.02 12.41
C VAL B 231 28.71 1.33 12.42
N CYS B 232 27.61 1.44 11.66
CA CYS B 232 26.86 2.69 11.60
C CYS B 232 26.29 3.05 12.97
N ALA B 233 25.73 2.07 13.67
CA ALA B 233 25.15 2.30 14.99
C ALA B 233 26.20 2.79 15.97
N THR B 234 27.41 2.24 15.88
CA THR B 234 28.48 2.62 16.77
C THR B 234 28.89 4.06 16.53
N LEU B 235 28.97 4.45 15.25
CA LEU B 235 29.38 5.79 14.86
C LEU B 235 28.37 6.85 15.32
N GLU B 236 27.07 6.56 15.12
CA GLU B 236 26.00 7.44 15.57
C GLU B 236 26.06 7.63 17.09
N THR B 237 26.30 6.53 17.80
CA THR B 237 26.37 6.55 19.25
C THR B 237 27.55 7.38 19.72
N LEU B 238 28.72 7.15 19.13
CA LEU B 238 29.93 7.85 19.54
C LEU B 238 29.86 9.33 19.18
N GLN B 239 29.21 9.64 18.06
CA GLN B 239 29.03 11.03 17.66
C GLN B 239 28.13 11.75 18.67
N HIS B 240 27.07 11.07 19.09
CA HIS B 240 26.13 11.61 20.07
C HIS B 240 26.81 11.91 21.41
N LEU B 241 27.69 11.02 21.84
CA LEU B 241 28.36 11.17 23.13
C LEU B 241 29.46 12.24 23.12
N THR B 242 30.18 12.36 22.01
CA THR B 242 31.43 13.11 21.98
C THR B 242 31.40 14.38 21.15
N ASN B 243 30.35 14.56 20.36
CA ASN B 243 30.30 15.67 19.41
C ASN B 243 28.86 16.01 19.02
N LYS B 244 28.14 16.63 19.93
CA LYS B 244 26.70 16.80 19.77
C LYS B 244 26.37 17.69 18.57
N THR B 245 27.29 18.58 18.22
CA THR B 245 27.11 19.47 17.07
C THR B 245 27.59 18.84 15.76
N ASN B 246 28.17 17.65 15.84
CA ASN B 246 28.70 16.93 14.68
C ASN B 246 29.64 17.76 13.79
N ALA B 247 30.50 18.56 14.40
CA ALA B 247 31.55 19.28 13.67
C ALA B 247 32.53 18.30 13.02
N LYS B 248 33.08 18.70 11.89
CA LYS B 248 34.00 17.83 11.15
C LYS B 248 35.28 17.59 11.95
N LEU B 249 35.50 16.33 12.34
CA LEU B 249 36.71 15.93 13.05
C LEU B 249 37.42 14.79 12.30
N PRO B 250 38.75 14.72 12.38
CA PRO B 250 39.51 13.69 11.66
C PRO B 250 39.30 12.27 12.21
N TYR B 251 39.55 11.28 11.36
CA TYR B 251 39.49 9.88 11.76
C TYR B 251 40.53 9.55 12.83
N ASP B 252 40.09 8.93 13.91
CA ASP B 252 41.00 8.47 14.96
C ASP B 252 41.29 6.99 14.76
N SER B 253 42.58 6.66 14.67
CA SER B 253 43.00 5.29 14.35
C SER B 253 42.56 4.31 15.42
N ARG B 254 42.24 4.82 16.61
CA ARG B 254 41.76 3.98 17.68
C ARG B 254 40.36 3.43 17.37
N LEU B 255 39.67 4.02 16.40
CA LEU B 255 38.39 3.48 15.96
C LEU B 255 38.60 2.09 15.36
N LEU B 256 39.75 1.89 14.74
CA LEU B 256 40.10 0.60 14.17
C LEU B 256 40.46 -0.41 15.26
N SER B 257 41.33 -0.01 16.17
CA SER B 257 41.82 -0.93 17.20
C SER B 257 40.77 -1.18 18.28
N ASP B 258 39.93 -0.18 18.56
CA ASP B 258 38.92 -0.33 19.62
C ASP B 258 37.59 -0.87 19.11
N PHE B 259 37.26 -0.62 17.85
CA PHE B 259 35.94 -0.99 17.32
C PHE B 259 36.00 -1.68 15.97
N ASN B 260 37.19 -1.81 15.40
CA ASN B 260 37.35 -2.32 14.04
C ASN B 260 36.45 -1.57 13.07
N ILE B 261 36.50 -0.25 13.16
CA ILE B 261 35.84 0.63 12.21
C ILE B 261 36.89 1.32 11.37
N THR B 262 36.74 1.23 10.05
CA THR B 262 37.74 1.74 9.13
C THR B 262 37.49 3.22 8.83
N ALA B 263 38.49 3.85 8.23
CA ALA B 263 38.39 5.24 7.81
C ALA B 263 37.33 5.43 6.73
N GLU B 264 37.29 4.50 5.78
CA GLU B 264 36.31 4.56 4.69
C GLU B 264 34.89 4.60 5.26
N GLN B 265 34.66 3.79 6.27
CA GLN B 265 33.34 3.69 6.90
C GLN B 265 33.01 4.99 7.62
N TYR B 266 34.00 5.54 8.33
CA TYR B 266 33.83 6.79 9.06
C TYR B 266 33.39 7.92 8.13
N ASN B 267 34.13 8.10 7.03
CA ASN B 267 33.81 9.14 6.06
C ASN B 267 32.47 8.92 5.38
N GLN B 268 32.09 7.66 5.17
CA GLN B 268 30.86 7.31 4.46
C GLN B 268 29.60 7.74 5.20
N TYR B 269 29.55 7.50 6.50
CA TYR B 269 28.33 7.69 7.27
C TYR B 269 28.17 9.12 7.78
N GLY B 270 29.28 9.86 7.84
CA GLY B 270 29.25 11.26 8.21
C GLY B 270 28.95 11.53 9.67
N TYR B 271 29.19 10.54 10.54
CA TYR B 271 29.10 10.73 11.98
C TYR B 271 30.50 11.00 12.56
N TYR B 272 30.78 12.26 12.86
CA TYR B 272 32.12 12.65 13.31
C TYR B 272 32.28 12.50 14.82
N ILE B 273 33.47 12.07 15.21
CA ILE B 273 33.73 11.65 16.59
C ILE B 273 34.95 12.33 17.18
N ASP B 274 34.80 12.79 18.43
CA ASP B 274 35.92 13.25 19.24
C ASP B 274 36.32 12.09 20.14
N TYR B 275 37.27 11.28 19.69
CA TYR B 275 37.55 10.02 20.38
C TYR B 275 38.26 10.25 21.71
N ASN B 276 39.03 11.33 21.82
CA ASN B 276 39.67 11.67 23.08
C ASN B 276 38.63 11.83 24.19
N ASN B 277 37.53 12.47 23.85
CA ASN B 277 36.45 12.64 24.80
C ASN B 277 35.86 11.31 25.23
N PHE B 278 35.75 10.37 24.29
CA PHE B 278 35.25 9.04 24.58
C PHE B 278 36.21 8.31 25.53
N VAL B 279 37.50 8.35 25.21
CA VAL B 279 38.53 7.72 26.04
C VAL B 279 38.55 8.33 27.43
N ASN B 280 38.45 9.66 27.50
CA ASN B 280 38.55 10.37 28.76
C ASN B 280 37.31 10.21 29.65
N ASN B 281 36.23 9.71 29.07
CA ASN B 281 35.00 9.45 29.81
C ASN B 281 34.49 8.04 29.55
N PHE B 282 35.42 7.13 29.22
CA PHE B 282 35.08 5.78 28.81
C PHE B 282 34.15 5.07 29.80
N ASN B 283 34.54 5.09 31.07
CA ASN B 283 33.80 4.39 32.11
C ASN B 283 32.38 4.90 32.26
N ARG B 284 32.23 6.22 32.27
CA ARG B 284 30.93 6.85 32.40
C ARG B 284 30.04 6.53 31.21
N TYR B 285 30.60 6.68 30.01
CA TYR B 285 29.84 6.50 28.78
C TYR B 285 29.39 5.06 28.55
N THR B 286 30.17 4.09 29.04
CA THR B 286 29.83 2.68 28.81
C THR B 286 29.01 2.07 29.93
N THR B 287 28.80 2.82 31.02
CA THR B 287 28.03 2.34 32.17
C THR B 287 26.78 3.17 32.43
N THR B 288 26.61 4.22 31.62
CA THR B 288 25.45 5.10 31.75
C THR B 288 24.57 4.91 30.53
N THR B 289 23.25 5.07 30.71
CA THR B 289 22.32 4.83 29.63
C THR B 289 22.17 6.07 28.77
N ILE B 290 21.80 5.87 27.50
CA ILE B 290 21.44 6.96 26.60
C ILE B 290 19.94 6.88 26.42
N GLY B 291 19.21 7.87 26.95
CA GLY B 291 17.79 7.71 27.15
C GLY B 291 17.68 6.66 28.23
N THR B 292 17.06 5.52 27.92
CA THR B 292 17.07 4.37 28.83
C THR B 292 17.86 3.22 28.21
N LYS B 293 18.48 3.48 27.05
CA LYS B 293 19.21 2.45 26.34
C LYS B 293 20.64 2.29 26.85
N SER B 294 21.07 1.05 27.00
CA SER B 294 22.45 0.76 27.36
C SER B 294 23.38 1.06 26.19
N PHE B 295 24.65 1.28 26.49
CA PHE B 295 25.65 1.53 25.46
C PHE B 295 25.72 0.36 24.50
N GLU B 296 25.73 -0.86 25.02
CA GLU B 296 25.82 -2.05 24.18
C GLU B 296 24.59 -2.19 23.28
N THR B 297 23.43 -1.75 23.76
CA THR B 297 22.24 -1.74 22.91
C THR B 297 22.40 -0.74 21.77
N CYS B 298 22.93 0.44 22.08
CA CYS B 298 23.05 1.52 21.11
C CYS B 298 23.99 1.22 19.96
N ILE B 299 25.11 0.56 20.24
CA ILE B 299 26.10 0.27 19.20
C ILE B 299 25.67 -0.93 18.36
N LYS B 300 24.63 -1.62 18.80
CA LYS B 300 23.98 -2.65 18.00
C LYS B 300 22.89 -2.08 17.10
N TYR B 301 21.94 -1.36 17.71
CA TYR B 301 20.70 -1.00 17.04
C TYR B 301 20.60 0.49 16.67
N GLY B 302 21.50 1.30 17.20
CA GLY B 302 21.43 2.74 16.99
C GLY B 302 20.61 3.43 18.06
N LEU B 303 20.41 4.73 17.92
CA LEU B 303 19.79 5.54 18.97
C LEU B 303 18.26 5.50 18.97
N MET B 304 17.67 4.92 17.93
CA MET B 304 16.22 4.70 17.90
C MET B 304 15.41 5.97 18.16
N ASP B 305 15.85 7.09 17.58
CA ASP B 305 15.16 8.37 17.76
C ASP B 305 14.24 8.63 16.57
N SER C 1 -24.30 5.66 -27.43
CA SER C 1 -23.77 5.52 -28.81
C SER C 1 -22.74 6.59 -29.15
N ALA C 2 -22.17 6.47 -30.34
CA ALA C 2 -21.18 7.42 -30.83
C ALA C 2 -21.73 8.83 -31.00
N ALA C 3 -23.05 8.95 -31.12
CA ALA C 3 -23.67 10.26 -31.31
C ALA C 3 -23.53 11.15 -30.08
N SER C 4 -23.36 10.54 -28.91
CA SER C 4 -23.32 11.29 -27.66
C SER C 4 -21.97 11.23 -26.95
N ASN C 5 -21.00 10.52 -27.53
CA ASN C 5 -19.66 10.45 -26.95
C ASN C 5 -18.74 11.48 -27.62
N PRO C 6 -18.25 12.48 -26.86
CA PRO C 6 -17.41 13.51 -27.46
C PRO C 6 -16.21 12.93 -28.21
N SER C 7 -15.73 11.78 -27.75
CA SER C 7 -14.70 11.03 -28.46
C SER C 7 -13.46 11.88 -28.73
N ILE C 8 -13.05 12.64 -27.73
CA ILE C 8 -11.94 13.57 -27.89
C ILE C 8 -10.65 12.83 -28.18
N SER C 9 -9.90 13.36 -29.15
CA SER C 9 -8.59 12.82 -29.49
C SER C 9 -7.52 13.45 -28.61
N HIS C 10 -6.89 12.64 -27.77
CA HIS C 10 -5.78 13.09 -26.93
C HIS C 10 -4.47 12.47 -27.39
N ILE C 11 -3.45 13.29 -27.56
CA ILE C 11 -2.14 12.78 -27.94
C ILE C 11 -1.56 11.95 -26.80
N VAL C 12 -1.21 10.71 -27.12
CA VAL C 12 -0.64 9.81 -26.14
C VAL C 12 0.76 10.29 -25.77
N LEU C 13 0.98 10.53 -24.49
CA LEU C 13 2.28 10.93 -23.98
C LEU C 13 3.08 9.71 -23.57
N GLU C 14 4.31 9.62 -24.08
CA GLU C 14 5.20 8.56 -23.68
C GLU C 14 5.89 8.98 -22.40
N MET C 15 5.29 8.60 -21.27
CA MET C 15 5.84 8.93 -19.96
C MET C 15 5.96 7.67 -19.10
N PRO C 16 7.08 7.54 -18.35
CA PRO C 16 7.24 6.41 -17.44
C PRO C 16 6.37 6.63 -16.21
N VAL C 17 6.00 5.57 -15.51
CA VAL C 17 5.19 5.71 -14.30
C VAL C 17 5.97 6.52 -13.26
N ALA C 18 7.29 6.54 -13.39
CA ALA C 18 8.15 7.23 -12.43
C ALA C 18 8.02 8.75 -12.52
N ILE C 19 7.28 9.24 -13.51
CA ILE C 19 7.04 10.68 -13.61
C ILE C 19 6.07 11.15 -12.53
N ASN C 20 5.36 10.20 -11.92
CA ASN C 20 4.29 10.52 -10.99
C ASN C 20 4.28 9.59 -9.77
N PRO C 21 5.41 9.56 -9.03
CA PRO C 21 5.58 8.61 -7.92
C PRO C 21 4.72 8.91 -6.69
N LEU C 22 4.20 7.85 -6.06
CA LEU C 22 3.50 7.96 -4.79
C LEU C 22 4.43 8.32 -3.64
N ILE C 23 4.19 9.45 -2.99
CA ILE C 23 4.96 9.84 -1.80
C ILE C 23 4.09 9.63 -0.57
N LYS C 24 4.62 8.97 0.46
CA LYS C 24 3.87 8.71 1.69
C LYS C 24 4.62 9.22 2.93
N TYR C 25 3.90 9.94 3.79
CA TYR C 25 4.44 10.47 5.03
C TYR C 25 3.65 9.89 6.20
N THR C 26 4.29 9.01 6.97
CA THR C 26 3.66 8.29 8.06
C THR C 26 4.23 8.68 9.41
N THR C 27 3.35 9.05 10.33
CA THR C 27 3.73 9.37 11.70
C THR C 27 3.03 8.43 12.67
N ARG C 28 3.22 8.66 13.96
CA ARG C 28 2.58 7.85 14.99
C ARG C 28 1.08 8.11 15.04
N THR C 29 0.64 9.22 14.46
CA THR C 29 -0.75 9.67 14.61
C THR C 29 -1.48 9.85 13.29
N SER C 30 -0.75 9.83 12.19
CA SER C 30 -1.35 10.16 10.89
C SER C 30 -0.59 9.52 9.74
N VAL C 31 -1.33 9.30 8.66
CA VAL C 31 -0.74 8.91 7.39
C VAL C 31 -1.26 9.85 6.31
N SER C 32 -0.34 10.34 5.49
CA SER C 32 -0.70 11.22 4.38
C SER C 32 0.00 10.72 3.14
N SER C 33 -0.59 11.00 1.99
CA SER C 33 0.01 10.58 0.74
C SER C 33 -0.56 11.35 -0.44
N LEU C 34 0.30 11.57 -1.42
CA LEU C 34 -0.09 12.16 -2.69
C LEU C 34 0.94 11.71 -3.72
N ARG C 35 0.78 12.15 -4.96
CA ARG C 35 1.79 11.91 -5.98
C ARG C 35 2.67 13.12 -6.15
N GLY C 36 3.97 12.89 -6.32
CA GLY C 36 4.86 13.94 -6.74
C GLY C 36 4.73 14.02 -8.25
N ALA C 37 5.12 15.16 -8.82
CA ALA C 37 5.10 15.33 -10.27
C ALA C 37 6.48 15.74 -10.75
N VAL C 38 7.10 14.85 -11.51
CA VAL C 38 8.45 15.08 -12.03
C VAL C 38 8.39 15.84 -13.36
N VAL C 39 8.68 17.13 -13.31
CA VAL C 39 8.55 17.97 -14.49
C VAL C 39 9.87 18.65 -14.85
N ASN C 40 10.46 18.19 -15.94
CA ASN C 40 11.62 18.83 -16.55
C ASN C 40 12.77 19.07 -15.56
N GLY C 41 13.15 18.01 -14.83
CA GLY C 41 14.32 18.04 -13.98
C GLY C 41 14.05 18.25 -12.50
N TYR C 42 12.79 18.53 -12.15
CA TYR C 42 12.42 18.78 -10.76
C TYR C 42 11.14 18.03 -10.40
N ILE C 43 11.07 17.52 -9.18
CA ILE C 43 9.84 16.94 -8.67
C ILE C 43 9.08 17.98 -7.85
N TYR C 44 7.77 18.03 -8.03
CA TYR C 44 6.92 18.97 -7.31
C TYR C 44 6.00 18.22 -6.36
N ILE C 45 6.12 18.56 -5.08
CA ILE C 45 5.34 17.92 -4.02
C ILE C 45 4.51 18.99 -3.32
N GLN C 46 3.19 18.84 -3.36
CA GLN C 46 2.30 19.77 -2.68
C GLN C 46 2.52 19.67 -1.17
N ARG C 47 2.65 20.82 -0.53
CA ARG C 47 3.15 20.89 0.84
C ARG C 47 2.22 20.27 1.86
N HIS C 48 0.92 20.22 1.55
CA HIS C 48 -0.05 19.75 2.54
C HIS C 48 0.13 18.26 2.86
N LEU C 49 1.06 17.62 2.18
CA LEU C 49 1.51 16.28 2.57
C LEU C 49 1.94 16.27 4.04
N PHE C 50 2.49 17.40 4.49
CA PHE C 50 3.04 17.50 5.85
C PHE C 50 2.08 18.12 6.85
N GLY C 51 0.86 18.44 6.39
CA GLY C 51 -0.15 19.01 7.27
C GLY C 51 -1.07 19.97 6.54
N SER C 52 -2.28 20.14 7.07
CA SER C 52 -3.28 20.99 6.43
C SER C 52 -3.55 22.27 7.21
N LYS C 53 -2.63 22.60 8.11
CA LYS C 53 -2.65 23.88 8.82
C LYS C 53 -1.20 24.37 8.99
N LYS C 54 -1.02 25.68 9.11
CA LYS C 54 0.30 26.28 9.15
C LYS C 54 1.24 25.68 10.21
N GLN C 55 0.78 25.62 11.45
CA GLN C 55 1.62 25.13 12.54
C GLN C 55 2.04 23.67 12.33
N GLU C 56 1.06 22.83 12.00
CA GLU C 56 1.32 21.41 11.79
C GLU C 56 2.29 21.20 10.64
N PHE C 57 2.08 21.92 9.54
CA PHE C 57 2.93 21.77 8.37
C PHE C 57 4.37 22.14 8.66
N GLU C 58 4.59 23.31 9.24
CA GLU C 58 5.94 23.80 9.47
C GLU C 58 6.70 22.91 10.44
N ALA C 59 6.00 22.34 11.41
CA ALA C 59 6.64 21.48 12.40
C ALA C 59 7.05 20.14 11.77
N CYS C 60 6.15 19.56 10.97
CA CYS C 60 6.41 18.28 10.35
C CYS C 60 7.37 18.42 9.18
N TYR C 61 7.18 19.46 8.38
CA TYR C 61 8.06 19.71 7.24
C TYR C 61 9.43 20.10 7.76
N ASN C 62 9.43 20.95 8.78
CA ASN C 62 10.64 21.32 9.52
C ASN C 62 11.76 21.79 8.60
N ASN C 63 11.45 22.75 7.73
CA ASN C 63 12.44 23.32 6.83
C ASN C 63 13.11 22.27 5.95
N GLY C 64 12.38 21.19 5.67
CA GLY C 64 12.85 20.15 4.77
C GLY C 64 13.33 18.85 5.39
N LYS C 65 13.53 18.84 6.71
CA LYS C 65 13.94 17.62 7.40
C LYS C 65 12.87 16.54 7.22
N GLY C 66 11.62 16.97 7.16
CA GLY C 66 10.50 16.05 7.03
C GLY C 66 10.57 15.21 5.76
N LEU C 67 11.24 15.75 4.74
CA LEU C 67 11.38 15.04 3.48
C LEU C 67 12.14 13.73 3.67
N LEU C 68 13.02 13.70 4.67
CA LEU C 68 13.80 12.50 4.99
C LEU C 68 12.93 11.39 5.56
N ASN C 69 11.71 11.74 5.98
CA ASN C 69 10.78 10.79 6.57
C ASN C 69 9.70 10.35 5.60
N CYS C 70 9.94 10.55 4.30
CA CYS C 70 8.98 10.19 3.26
C CYS C 70 9.41 8.92 2.53
N LYS C 71 8.46 8.03 2.27
CA LYS C 71 8.74 6.83 1.48
C LYS C 71 8.73 7.23 0.02
N ASN C 72 9.51 6.51 -0.80
CA ASN C 72 9.57 6.75 -2.24
C ASN C 72 10.16 8.12 -2.58
N LEU C 73 11.10 8.58 -1.75
CA LEU C 73 11.77 9.85 -1.97
C LEU C 73 13.27 9.63 -1.78
N GLU C 74 13.81 8.69 -2.54
CA GLU C 74 15.19 8.24 -2.38
C GLU C 74 16.20 9.32 -2.71
N ARG C 75 17.23 9.44 -1.86
CA ARG C 75 18.32 10.37 -2.10
C ARG C 75 19.07 10.05 -3.39
N SER C 76 19.03 8.78 -3.79
CA SER C 76 19.65 8.36 -5.04
C SER C 76 18.97 9.02 -6.22
N LYS C 77 17.66 9.26 -6.09
CA LYS C 77 16.88 9.85 -7.17
C LYS C 77 16.84 11.37 -7.10
N TYR C 78 16.63 11.90 -5.89
CA TYR C 78 16.43 13.34 -5.72
C TYR C 78 17.50 13.97 -4.85
N ASP C 79 17.83 15.21 -5.18
CA ASP C 79 18.79 16.00 -4.41
C ASP C 79 18.04 16.70 -3.28
N ILE C 80 17.81 15.95 -2.21
CA ILE C 80 16.98 16.40 -1.10
C ILE C 80 17.50 17.70 -0.49
N ASP C 81 18.81 17.80 -0.30
CA ASP C 81 19.40 18.98 0.32
C ASP C 81 19.08 20.26 -0.45
N SER C 82 18.79 20.13 -1.75
CA SER C 82 18.49 21.29 -2.59
C SER C 82 16.98 21.49 -2.77
N ALA C 83 16.19 20.93 -1.86
CA ALA C 83 14.75 21.12 -1.88
C ALA C 83 14.41 22.59 -1.61
N GLU C 84 13.37 23.09 -2.26
CA GLU C 84 12.93 24.46 -2.06
C GLU C 84 11.42 24.56 -1.89
N LEU C 85 10.98 25.21 -0.82
CA LEU C 85 9.55 25.50 -0.65
C LEU C 85 9.17 26.79 -1.38
N ILE C 86 8.44 26.63 -2.47
CA ILE C 86 7.95 27.75 -3.25
C ILE C 86 6.43 27.81 -3.12
N GLY C 87 5.95 28.77 -2.34
CA GLY C 87 4.53 28.90 -2.09
C GLY C 87 3.97 27.66 -1.43
N THR C 88 3.05 26.99 -2.12
CA THR C 88 2.44 25.76 -1.62
C THR C 88 3.10 24.51 -2.19
N LEU C 89 4.16 24.71 -2.97
CA LEU C 89 4.85 23.60 -3.63
C LEU C 89 6.28 23.43 -3.12
N ILE C 90 6.66 22.17 -2.95
CA ILE C 90 8.03 21.80 -2.64
C ILE C 90 8.71 21.32 -3.91
N ARG C 91 9.76 22.02 -4.33
CA ARG C 91 10.49 21.67 -5.54
C ARG C 91 11.85 21.07 -5.18
N ILE C 92 12.12 19.88 -5.69
CA ILE C 92 13.40 19.19 -5.47
C ILE C 92 14.01 18.80 -6.82
N PRO C 93 15.29 19.13 -7.04
CA PRO C 93 15.92 18.72 -8.30
C PRO C 93 16.23 17.23 -8.37
N LEU C 94 16.07 16.64 -9.56
CA LEU C 94 16.60 15.31 -9.83
C LEU C 94 18.12 15.37 -9.92
N HIS C 95 18.80 14.32 -9.48
CA HIS C 95 20.23 14.20 -9.66
C HIS C 95 20.58 14.09 -11.14
N ASP C 96 19.80 13.26 -11.83
CA ASP C 96 19.90 13.12 -13.28
C ASP C 96 18.71 13.84 -13.88
N LYS C 97 18.95 15.06 -14.35
CA LYS C 97 17.89 15.93 -14.84
C LYS C 97 17.16 15.32 -16.04
N HIS C 98 17.83 14.40 -16.74
CA HIS C 98 17.28 13.79 -17.94
C HIS C 98 16.78 12.36 -17.74
N SER C 99 16.84 11.85 -16.52
CA SER C 99 16.41 10.48 -16.23
C SER C 99 14.93 10.26 -16.55
N ILE C 100 14.15 11.32 -16.38
CA ILE C 100 12.74 11.30 -16.75
C ILE C 100 12.58 12.22 -17.95
N PRO C 101 11.88 11.73 -19.00
CA PRO C 101 11.77 12.57 -20.21
C PRO C 101 11.05 13.88 -19.92
N HIS C 102 11.52 14.97 -20.52
CA HIS C 102 10.87 16.26 -20.31
C HIS C 102 9.57 16.35 -21.08
N ILE C 103 8.70 17.25 -20.63
CA ILE C 103 7.36 17.40 -21.19
C ILE C 103 7.06 18.85 -21.54
N SER C 104 6.09 19.05 -22.42
CA SER C 104 5.66 20.39 -22.81
C SER C 104 4.80 21.04 -21.72
N ILE C 105 4.95 22.35 -21.58
CA ILE C 105 4.24 23.12 -20.58
C ILE C 105 3.25 24.07 -21.26
N HIS C 106 2.00 24.06 -20.81
CA HIS C 106 1.02 24.98 -21.35
C HIS C 106 1.41 26.43 -21.02
N PRO C 107 1.38 27.33 -22.01
CA PRO C 107 1.89 28.69 -21.76
C PRO C 107 1.00 29.57 -20.88
N ASP C 108 -0.23 29.13 -20.65
CA ASP C 108 -1.21 29.92 -19.90
C ASP C 108 -2.34 29.02 -19.37
N PRO C 109 -2.02 28.16 -18.40
CA PRO C 109 -2.91 27.07 -17.97
C PRO C 109 -4.29 27.50 -17.47
N LEU C 110 -4.36 28.58 -16.68
CA LEU C 110 -5.65 29.00 -16.12
C LEU C 110 -6.57 29.63 -17.16
N SER C 111 -6.06 29.87 -18.36
CA SER C 111 -6.88 30.41 -19.44
C SER C 111 -7.51 29.29 -20.24
N TYR C 112 -7.06 28.06 -20.02
CA TYR C 112 -7.55 26.94 -20.81
C TYR C 112 -8.98 26.56 -20.48
N ASN C 113 -9.74 26.31 -21.54
CA ASN C 113 -11.11 25.82 -21.45
C ASN C 113 -11.29 24.75 -22.52
N GLY C 114 -11.51 23.52 -22.09
CA GLY C 114 -11.67 22.42 -23.04
C GLY C 114 -11.34 21.06 -22.47
N PRO C 115 -11.34 20.03 -23.32
CA PRO C 115 -11.03 18.66 -22.89
C PRO C 115 -9.65 18.54 -22.25
N VAL C 116 -9.53 17.66 -21.26
CA VAL C 116 -8.26 17.37 -20.62
C VAL C 116 -8.12 15.90 -20.26
N THR C 117 -6.88 15.49 -19.98
CA THR C 117 -6.62 14.19 -19.40
C THR C 117 -6.03 14.34 -18.01
N LEU C 118 -6.26 13.35 -17.17
CA LEU C 118 -5.59 13.28 -15.87
C LEU C 118 -4.76 12.01 -15.82
N TYR C 119 -3.45 12.18 -15.59
CA TYR C 119 -2.56 11.05 -15.44
C TYR C 119 -2.24 10.85 -13.96
N LEU C 120 -2.33 9.60 -13.52
CA LEU C 120 -2.11 9.21 -12.13
C LEU C 120 -1.42 7.87 -12.07
N SER C 121 -0.39 7.76 -11.25
CA SER C 121 0.19 6.45 -10.97
C SER C 121 -0.76 5.69 -10.05
N ARG C 122 -0.90 4.40 -10.28
CA ARG C 122 -1.70 3.53 -9.42
C ARG C 122 -1.00 2.19 -9.27
N TYR C 123 -1.21 1.52 -8.14
CA TYR C 123 -0.74 0.14 -7.99
C TYR C 123 -1.84 -0.79 -8.47
N ASP C 124 -1.53 -1.59 -9.48
CA ASP C 124 -2.53 -2.50 -10.06
C ASP C 124 -2.44 -3.92 -9.52
N THR C 125 -3.51 -4.35 -8.85
CA THR C 125 -3.59 -5.70 -8.31
C THR C 125 -3.81 -6.71 -9.43
N ASN C 128 0.23 -6.67 -11.15
CA ASN C 128 1.07 -6.65 -9.97
C ASN C 128 2.22 -5.65 -10.08
N LYS C 129 1.89 -4.39 -10.36
CA LYS C 129 2.91 -3.36 -10.52
C LYS C 129 2.32 -1.96 -10.41
N ASP C 130 3.19 -0.97 -10.28
CA ASP C 130 2.78 0.43 -10.33
C ASP C 130 2.71 0.87 -11.79
N VAL C 131 1.55 1.39 -12.20
CA VAL C 131 1.31 1.75 -13.59
C VAL C 131 0.73 3.15 -13.71
N LEU C 132 1.01 3.79 -14.85
CA LEU C 132 0.47 5.11 -15.14
C LEU C 132 -0.94 4.98 -15.72
N CYS C 133 -1.89 5.70 -15.15
CA CYS C 133 -3.29 5.63 -15.58
C CYS C 133 -3.78 6.97 -16.10
N VAL C 134 -4.56 6.93 -17.18
CA VAL C 134 -5.09 8.15 -17.79
C VAL C 134 -6.61 8.21 -17.65
N HIS C 135 -7.14 9.41 -17.51
CA HIS C 135 -8.57 9.65 -17.40
C HIS C 135 -8.93 10.84 -18.26
N THR C 136 -10.09 10.81 -18.91
CA THR C 136 -10.53 11.92 -19.76
C THR C 136 -11.62 12.75 -19.09
N GLY C 137 -11.60 14.05 -19.38
CA GLY C 137 -12.58 14.97 -18.84
C GLY C 137 -12.51 16.33 -19.50
N PHE C 138 -13.08 17.32 -18.81
CA PHE C 138 -13.19 18.68 -19.30
C PHE C 138 -12.72 19.65 -18.23
N MET C 139 -12.08 20.75 -18.63
CA MET C 139 -11.61 21.75 -17.67
C MET C 139 -12.04 23.15 -18.08
N SER C 140 -12.44 23.94 -17.08
CA SER C 140 -12.73 25.36 -17.26
C SER C 140 -11.95 26.19 -16.24
N GLU C 141 -10.91 26.87 -16.74
CA GLU C 141 -10.06 27.73 -15.92
C GLU C 141 -9.61 27.09 -14.62
N GLY C 142 -9.01 25.91 -14.71
CA GLY C 142 -8.43 25.24 -13.57
C GLY C 142 -9.43 24.47 -12.73
N HIS C 143 -10.65 24.34 -13.25
CA HIS C 143 -11.69 23.55 -12.60
C HIS C 143 -12.16 22.48 -13.57
N HIS C 144 -12.06 21.20 -13.16
CA HIS C 144 -12.37 20.10 -14.05
C HIS C 144 -13.43 19.17 -13.48
N ASP C 145 -13.72 18.08 -14.21
CA ASP C 145 -14.83 17.19 -13.88
C ASP C 145 -14.43 15.72 -13.79
N ILE C 146 -13.14 15.46 -13.55
CA ILE C 146 -12.66 14.09 -13.38
C ILE C 146 -12.72 13.68 -11.91
N LYS C 147 -13.41 12.57 -11.64
CA LYS C 147 -13.57 12.08 -10.27
C LYS C 147 -12.22 11.83 -9.61
N THR C 148 -12.05 12.37 -8.42
CA THR C 148 -10.85 12.11 -7.63
C THR C 148 -11.24 11.73 -6.21
N VAL C 149 -10.28 11.11 -5.52
CA VAL C 149 -10.47 10.73 -4.15
C VAL C 149 -9.27 11.25 -3.36
N PHE C 150 -9.37 11.27 -2.04
CA PHE C 150 -8.27 11.77 -1.21
C PHE C 150 -7.01 10.97 -1.51
N GLY C 151 -5.92 11.68 -1.82
CA GLY C 151 -4.65 11.06 -2.14
C GLY C 151 -4.31 11.24 -3.60
N ASP C 152 -5.29 11.63 -4.41
CA ASP C 152 -5.08 11.78 -5.85
C ASP C 152 -4.42 13.11 -6.20
N CYS C 153 -4.16 13.93 -5.19
CA CYS C 153 -3.42 15.16 -5.41
C CYS C 153 -2.06 14.85 -6.00
N GLY C 154 -1.66 15.64 -6.98
CA GLY C 154 -0.41 15.39 -7.69
C GLY C 154 -0.65 14.76 -9.05
N GLY C 155 -1.88 14.31 -9.28
CA GLY C 155 -2.27 13.83 -10.58
C GLY C 155 -2.01 14.94 -11.59
N MET C 156 -1.53 14.57 -12.77
CA MET C 156 -1.07 15.55 -13.74
C MET C 156 -2.08 15.75 -14.86
N LEU C 157 -2.48 17.01 -15.04
CA LEU C 157 -3.48 17.37 -16.02
C LEU C 157 -2.86 17.96 -17.28
N PHE C 158 -3.28 17.46 -18.43
CA PHE C 158 -2.75 17.88 -19.73
C PHE C 158 -3.88 18.31 -20.65
N ASP C 159 -3.58 19.19 -21.59
CA ASP C 159 -4.53 19.50 -22.66
C ASP C 159 -4.34 18.45 -23.76
N PRO C 160 -5.22 18.46 -24.78
CA PRO C 160 -5.20 17.40 -25.81
C PRO C 160 -3.92 17.35 -26.63
N LYS C 161 -3.12 18.41 -26.58
CA LYS C 161 -1.87 18.45 -27.32
C LYS C 161 -0.68 17.98 -26.47
N GLY C 162 -0.96 17.56 -25.24
CA GLY C 162 0.06 17.02 -24.37
C GLY C 162 0.84 18.07 -23.60
N ARG C 163 0.24 19.25 -23.43
CA ARG C 163 0.87 20.32 -22.65
C ARG C 163 0.41 20.27 -21.20
N LEU C 164 1.36 20.26 -20.28
CA LEU C 164 1.04 20.20 -18.86
C LEU C 164 0.30 21.46 -18.44
N LEU C 165 -0.86 21.27 -17.83
CA LEU C 165 -1.63 22.39 -17.30
C LEU C 165 -1.32 22.62 -15.84
N GLY C 166 -1.24 21.52 -15.08
CA GLY C 166 -0.97 21.61 -13.67
C GLY C 166 -1.28 20.34 -12.91
N LEU C 167 -1.45 20.50 -11.60
CA LEU C 167 -1.62 19.39 -10.68
C LEU C 167 -2.97 19.47 -9.98
N HIS C 168 -3.65 18.35 -9.86
CA HIS C 168 -4.87 18.28 -9.06
C HIS C 168 -4.49 18.54 -7.60
N CYS C 169 -5.29 19.35 -6.90
CA CYS C 169 -4.92 19.75 -5.54
C CYS C 169 -6.07 19.83 -4.53
N ALA C 170 -7.31 19.93 -5.00
CA ALA C 170 -8.43 20.08 -4.07
C ALA C 170 -9.78 19.75 -4.71
N GLY C 171 -10.82 19.73 -3.88
CA GLY C 171 -12.17 19.47 -4.34
C GLY C 171 -13.21 19.79 -3.29
N SER C 172 -14.47 19.54 -3.62
CA SER C 172 -15.58 19.77 -2.71
C SER C 172 -16.72 18.85 -3.11
N ASP C 173 -17.60 18.53 -2.16
CA ASP C 173 -18.76 17.70 -2.47
C ASP C 173 -19.75 18.49 -3.29
N ASP C 174 -19.76 19.79 -3.07
CA ASP C 174 -20.74 20.66 -3.69
C ASP C 174 -20.21 22.08 -3.84
N VAL C 175 -20.94 22.90 -4.58
CA VAL C 175 -20.61 24.30 -4.73
C VAL C 175 -21.88 25.13 -4.53
N VAL C 176 -21.70 26.39 -4.19
CA VAL C 176 -22.80 27.35 -4.16
C VAL C 176 -22.79 28.16 -5.44
N PHE C 177 -23.97 28.36 -6.03
CA PHE C 177 -24.09 29.11 -7.29
C PHE C 177 -24.62 30.52 -7.10
N MET C 178 -23.90 31.49 -7.64
CA MET C 178 -24.31 32.91 -7.59
C MET C 178 -23.50 33.77 -8.54
N ASP C 179 -23.99 34.99 -8.79
CA ASP C 179 -23.23 35.98 -9.53
C ASP C 179 -22.29 36.73 -8.59
N THR C 180 -21.00 36.39 -8.64
CA THR C 180 -20.03 36.97 -7.72
C THR C 180 -19.77 38.45 -8.01
N THR C 181 -19.92 38.84 -9.28
CA THR C 181 -19.76 40.23 -9.68
C THR C 181 -20.77 41.15 -9.01
N THR C 182 -22.03 40.72 -8.98
CA THR C 182 -23.11 41.54 -8.48
C THR C 182 -23.52 41.10 -7.09
N GLY C 183 -23.00 39.96 -6.65
CA GLY C 183 -23.34 39.41 -5.36
C GLY C 183 -24.79 38.98 -5.30
N LYS C 184 -25.43 38.92 -6.46
CA LYS C 184 -26.83 38.50 -6.55
C LYS C 184 -26.89 37.02 -6.88
N SER C 185 -27.99 36.39 -6.48
CA SER C 185 -28.27 35.03 -6.91
C SER C 185 -28.56 35.04 -8.40
N ASN C 186 -28.43 33.88 -9.04
CA ASN C 186 -28.77 33.76 -10.45
C ASN C 186 -29.58 32.49 -10.72
N ILE C 187 -29.70 32.12 -11.99
CA ILE C 187 -30.57 31.02 -12.38
C ILE C 187 -30.05 29.67 -11.90
N TRP C 188 -28.78 29.61 -11.49
CA TRP C 188 -28.16 28.37 -11.02
C TRP C 188 -28.19 28.22 -9.51
N THR C 189 -28.59 29.27 -8.82
CA THR C 189 -28.61 29.26 -7.36
C THR C 189 -29.53 28.16 -6.85
N SER C 190 -30.61 27.89 -7.59
CA SER C 190 -31.61 26.92 -7.18
C SER C 190 -31.24 25.46 -7.49
N TYR C 191 -30.04 25.24 -8.03
CA TYR C 191 -29.57 23.92 -8.43
C TYR C 191 -29.72 22.91 -7.29
N LYS C 192 -30.50 21.86 -7.52
CA LYS C 192 -30.90 20.93 -6.45
C LYS C 192 -29.95 19.75 -6.29
N LEU C 193 -29.28 19.37 -7.37
CA LEU C 193 -28.33 18.27 -7.35
C LEU C 193 -26.99 18.74 -6.83
N GLN C 194 -26.23 17.85 -6.19
CA GLN C 194 -24.88 18.18 -5.79
C GLN C 194 -23.99 18.39 -7.02
N HIS C 195 -23.20 19.46 -7.00
CA HIS C 195 -22.25 19.74 -8.08
C HIS C 195 -20.84 19.85 -7.49
N PRO C 196 -20.14 18.73 -7.36
CA PRO C 196 -18.81 18.74 -6.76
C PRO C 196 -17.79 19.50 -7.60
N SER C 197 -16.75 20.00 -6.97
CA SER C 197 -15.68 20.70 -7.68
C SER C 197 -14.40 19.87 -7.66
N GLU C 198 -13.62 20.00 -8.74
CA GLU C 198 -12.30 19.41 -8.83
C GLU C 198 -11.36 20.54 -9.24
N ILE C 199 -10.31 20.77 -8.45
CA ILE C 199 -9.50 21.98 -8.61
C ILE C 199 -8.03 21.70 -8.84
N MET C 200 -7.44 22.49 -9.74
CA MET C 200 -6.05 22.35 -10.16
C MET C 200 -5.18 23.49 -9.63
N ILE C 201 -3.90 23.19 -9.44
CA ILE C 201 -2.88 24.22 -9.18
C ILE C 201 -1.75 24.07 -10.18
N THR C 202 -1.21 25.20 -10.65
CA THR C 202 -0.10 25.18 -11.59
C THR C 202 1.24 25.07 -10.87
N LEU C 203 2.29 24.79 -11.63
CA LEU C 203 3.63 24.69 -11.08
C LEU C 203 4.14 26.06 -10.63
N ASN C 204 3.46 27.12 -11.05
CA ASN C 204 3.76 28.47 -10.60
C ASN C 204 2.74 28.92 -9.56
N ASN C 205 2.17 27.96 -8.85
CA ASN C 205 1.26 28.21 -7.73
C ASN C 205 0.00 28.99 -8.11
N GLU C 206 -0.38 28.98 -9.39
CA GLU C 206 -1.64 29.59 -9.81
C GLU C 206 -2.81 28.64 -9.55
N ILE C 207 -3.84 29.17 -8.90
CA ILE C 207 -5.04 28.41 -8.58
C ILE C 207 -6.25 29.33 -8.64
N ASN C 208 -7.32 28.86 -9.27
CA ASN C 208 -8.50 29.70 -9.46
C ASN C 208 -9.38 29.67 -8.22
N LEU C 209 -8.89 30.30 -7.16
CA LEU C 209 -9.62 30.44 -5.91
C LEU C 209 -9.22 31.76 -5.23
N PRO C 210 -10.12 32.32 -4.40
CA PRO C 210 -9.68 33.45 -3.57
C PRO C 210 -8.63 33.01 -2.53
N ASN C 211 -7.76 33.94 -2.15
CA ASN C 211 -6.69 33.66 -1.20
C ASN C 211 -5.86 32.45 -1.60
N PRO C 212 -5.19 32.54 -2.75
CA PRO C 212 -4.36 31.44 -3.27
C PRO C 212 -3.10 31.20 -2.44
N ALA C 213 -2.63 32.22 -1.75
CA ALA C 213 -1.36 32.16 -1.02
C ALA C 213 -1.37 31.08 0.07
N ASN C 214 -2.53 30.89 0.71
CA ASN C 214 -2.67 29.89 1.76
C ASN C 214 -3.99 29.13 1.63
N TYR C 215 -4.39 28.86 0.39
CA TYR C 215 -5.64 28.17 0.10
C TYR C 215 -5.71 26.81 0.79
N ASP C 216 -4.56 26.16 0.92
CA ASP C 216 -4.51 24.79 1.41
C ASP C 216 -4.58 24.74 2.93
N PHE C 217 -4.44 25.89 3.59
CA PHE C 217 -4.56 25.99 5.03
C PHE C 217 -5.87 26.67 5.42
N GLU C 218 -6.49 27.36 4.46
CA GLU C 218 -7.70 28.15 4.69
C GLU C 218 -8.81 27.65 3.77
N THR C 219 -9.75 26.91 4.32
CA THR C 219 -10.82 26.33 3.52
C THR C 219 -12.13 27.08 3.68
N THR C 220 -12.70 27.47 2.54
CA THR C 220 -13.97 28.17 2.47
C THR C 220 -14.91 27.43 1.53
N LYS C 221 -16.16 27.88 1.47
CA LYS C 221 -17.12 27.32 0.53
C LYS C 221 -16.61 27.58 -0.88
N VAL C 222 -16.98 26.73 -1.83
CA VAL C 222 -16.62 26.94 -3.22
C VAL C 222 -17.78 27.58 -3.93
N VAL C 223 -17.50 28.70 -4.60
CA VAL C 223 -18.53 29.48 -5.26
C VAL C 223 -18.35 29.46 -6.77
N TYR C 224 -19.38 28.97 -7.46
CA TYR C 224 -19.42 28.96 -8.92
C TYR C 224 -20.45 29.96 -9.42
N GLN C 225 -20.27 30.47 -10.63
CA GLN C 225 -21.29 31.28 -11.25
C GLN C 225 -22.21 30.39 -12.06
N HIS C 226 -21.67 29.29 -12.54
CA HIS C 226 -22.40 28.40 -13.43
C HIS C 226 -21.69 27.06 -13.50
N PRO C 227 -22.39 26.03 -14.00
CA PRO C 227 -21.75 24.74 -14.23
C PRO C 227 -20.60 24.85 -15.23
N LEU C 228 -19.71 23.87 -15.22
CA LEU C 228 -18.59 23.83 -16.15
C LEU C 228 -19.11 23.95 -17.58
N ARG C 229 -18.55 24.88 -18.34
CA ARG C 229 -19.05 25.14 -19.67
C ARG C 229 -18.00 25.77 -20.57
N ASN C 230 -18.16 25.52 -21.87
CA ASN C 230 -17.42 26.23 -22.91
C ASN C 230 -18.34 27.30 -23.49
N VAL C 231 -17.82 28.51 -23.70
CA VAL C 231 -18.67 29.62 -24.11
C VAL C 231 -19.31 29.32 -25.46
N CYS C 232 -18.50 28.91 -26.42
CA CYS C 232 -19.01 28.61 -27.76
C CYS C 232 -20.02 27.48 -27.71
N ALA C 233 -19.73 26.42 -26.95
CA ALA C 233 -20.63 25.28 -26.84
C ALA C 233 -21.96 25.68 -26.22
N THR C 234 -21.90 26.56 -25.21
CA THR C 234 -23.11 27.00 -24.51
C THR C 234 -24.01 27.81 -25.45
N LEU C 235 -23.39 28.67 -26.25
CA LEU C 235 -24.13 29.49 -27.20
C LEU C 235 -24.79 28.63 -28.27
N GLU C 236 -24.04 27.67 -28.79
CA GLU C 236 -24.57 26.73 -29.77
C GLU C 236 -25.76 25.95 -29.20
N THR C 237 -25.62 25.51 -27.96
CA THR C 237 -26.68 24.74 -27.29
C THR C 237 -27.94 25.57 -27.10
N LEU C 238 -27.77 26.77 -26.55
CA LEU C 238 -28.90 27.63 -26.23
C LEU C 238 -29.63 28.09 -27.49
N GLN C 239 -28.89 28.35 -28.56
CA GLN C 239 -29.49 28.76 -29.81
C GLN C 239 -30.36 27.63 -30.37
N HIS C 240 -29.83 26.42 -30.28
CA HIS C 240 -30.53 25.23 -30.76
C HIS C 240 -31.84 25.01 -30.02
N LEU C 241 -31.81 25.23 -28.70
CA LEU C 241 -32.98 25.00 -27.87
C LEU C 241 -34.05 26.08 -28.03
N THR C 242 -33.62 27.33 -28.26
CA THR C 242 -34.52 28.47 -28.15
C THR C 242 -34.79 29.19 -29.47
N ASN C 243 -34.02 28.89 -30.52
CA ASN C 243 -34.08 29.65 -31.77
C ASN C 243 -33.53 28.84 -32.93
N LYS C 244 -34.31 27.88 -33.40
CA LYS C 244 -33.82 26.87 -34.34
C LYS C 244 -33.45 27.45 -35.71
N THR C 245 -34.10 28.53 -36.11
CA THR C 245 -33.79 29.16 -37.40
C THR C 245 -32.66 30.18 -37.27
N ASN C 246 -32.20 30.38 -36.03
CA ASN C 246 -31.17 31.35 -35.72
C ASN C 246 -31.47 32.75 -36.24
N ALA C 247 -32.72 33.17 -36.12
CA ALA C 247 -33.10 34.54 -36.44
C ALA C 247 -32.40 35.49 -35.47
N LYS C 248 -32.10 36.70 -35.93
CA LYS C 248 -31.39 37.68 -35.12
C LYS C 248 -32.23 38.13 -33.92
N LEU C 249 -31.70 37.85 -32.74
CA LEU C 249 -32.29 38.26 -31.47
C LEU C 249 -31.27 39.04 -30.63
N PRO C 250 -31.76 39.94 -29.76
CA PRO C 250 -30.83 40.75 -28.98
C PRO C 250 -30.02 39.97 -27.97
N TYR C 251 -28.87 40.52 -27.59
CA TYR C 251 -28.10 39.97 -26.49
C TYR C 251 -28.93 40.13 -25.23
N ASP C 252 -29.10 39.03 -24.49
CA ASP C 252 -29.79 39.12 -23.20
C ASP C 252 -28.72 39.23 -22.12
N SER C 253 -28.82 40.27 -21.30
CA SER C 253 -27.78 40.57 -20.33
C SER C 253 -27.66 39.48 -19.28
N ARG C 254 -28.69 38.66 -19.15
CA ARG C 254 -28.65 37.55 -18.22
C ARG C 254 -27.66 36.47 -18.66
N LEU C 255 -27.22 36.52 -19.91
CA LEU C 255 -26.18 35.62 -20.36
C LEU C 255 -24.89 35.86 -19.58
N LEU C 256 -24.68 37.11 -19.17
CA LEU C 256 -23.50 37.44 -18.38
C LEU C 256 -23.67 36.94 -16.94
N SER C 257 -24.82 37.20 -16.34
CA SER C 257 -25.05 36.83 -14.95
C SER C 257 -25.25 35.32 -14.76
N ASP C 258 -25.86 34.65 -15.74
CA ASP C 258 -26.14 33.22 -15.63
C ASP C 258 -25.04 32.32 -16.18
N PHE C 259 -24.28 32.81 -17.15
CA PHE C 259 -23.28 31.99 -17.84
C PHE C 259 -21.92 32.68 -17.99
N ASN C 260 -21.83 33.93 -17.53
CA ASN C 260 -20.64 34.74 -17.76
C ASN C 260 -20.25 34.74 -19.24
N ILE C 261 -21.24 34.96 -20.09
CA ILE C 261 -21.01 35.17 -21.51
C ILE C 261 -21.30 36.63 -21.80
N THR C 262 -20.35 37.31 -22.42
CA THR C 262 -20.46 38.75 -22.67
C THR C 262 -21.18 39.06 -23.97
N ALA C 263 -21.52 40.34 -24.12
CA ALA C 263 -22.15 40.81 -25.35
C ALA C 263 -21.21 40.62 -26.53
N GLU C 264 -19.93 40.94 -26.32
CA GLU C 264 -18.93 40.80 -27.37
C GLU C 264 -18.86 39.35 -27.85
N GLN C 265 -18.90 38.41 -26.92
CA GLN C 265 -18.83 37.00 -27.27
C GLN C 265 -20.07 36.57 -28.03
N TYR C 266 -21.22 37.04 -27.59
CA TYR C 266 -22.50 36.74 -28.22
C TYR C 266 -22.48 37.16 -29.69
N ASN C 267 -22.10 38.41 -29.94
CA ASN C 267 -22.03 38.92 -31.31
C ASN C 267 -20.95 38.24 -32.15
N GLN C 268 -19.85 37.84 -31.50
CA GLN C 268 -18.73 37.24 -32.22
C GLN C 268 -19.12 35.89 -32.83
N TYR C 269 -19.79 35.06 -32.05
CA TYR C 269 -20.06 33.68 -32.45
C TYR C 269 -21.29 33.53 -33.33
N GLY C 270 -22.18 34.51 -33.31
CA GLY C 270 -23.32 34.51 -34.21
C GLY C 270 -24.36 33.44 -33.92
N TYR C 271 -24.41 32.96 -32.69
CA TYR C 271 -25.49 32.08 -32.24
C TYR C 271 -26.53 32.92 -31.54
N TYR C 272 -27.66 33.18 -32.21
CA TYR C 272 -28.67 34.04 -31.60
C TYR C 272 -29.58 33.23 -30.72
N ILE C 273 -29.93 33.81 -29.59
CA ILE C 273 -30.61 33.10 -28.50
C ILE C 273 -31.84 33.86 -28.05
N ASP C 274 -32.92 33.11 -27.83
CA ASP C 274 -34.10 33.63 -27.16
C ASP C 274 -34.00 33.23 -25.69
N TYR C 275 -33.41 34.09 -24.87
CA TYR C 275 -33.09 33.72 -23.51
C TYR C 275 -34.33 33.60 -22.62
N ASN C 276 -35.37 34.38 -22.90
CA ASN C 276 -36.63 34.24 -22.16
C ASN C 276 -37.17 32.83 -22.30
N ASN C 277 -37.09 32.28 -23.50
CA ASN C 277 -37.54 30.93 -23.75
C ASN C 277 -36.76 29.91 -22.92
N PHE C 278 -35.46 30.14 -22.76
CA PHE C 278 -34.64 29.27 -21.92
C PHE C 278 -35.08 29.38 -20.46
N VAL C 279 -35.20 30.61 -19.98
CA VAL C 279 -35.62 30.89 -18.60
C VAL C 279 -37.02 30.31 -18.36
N ASN C 280 -37.91 30.48 -19.32
CA ASN C 280 -39.29 30.03 -19.18
C ASN C 280 -39.42 28.51 -19.28
N ASN C 281 -38.37 27.85 -19.74
CA ASN C 281 -38.34 26.39 -19.84
C ASN C 281 -37.08 25.79 -19.20
N PHE C 282 -36.54 26.48 -18.20
CA PHE C 282 -35.27 26.11 -17.60
C PHE C 282 -35.24 24.65 -17.14
N ASN C 283 -36.25 24.25 -16.38
CA ASN C 283 -36.27 22.91 -15.82
C ASN C 283 -36.32 21.84 -16.91
N ARG C 284 -37.17 22.05 -17.91
CA ARG C 284 -37.29 21.10 -19.00
C ARG C 284 -36.01 21.00 -19.83
N TYR C 285 -35.45 22.15 -20.20
CA TYR C 285 -34.26 22.18 -21.05
C TYR C 285 -33.01 21.60 -20.38
N THR C 286 -32.94 21.69 -19.05
CA THR C 286 -31.77 21.19 -18.33
C THR C 286 -31.91 19.75 -17.85
N THR C 287 -33.12 19.17 -17.99
CA THR C 287 -33.37 17.80 -17.58
C THR C 287 -33.78 16.94 -18.78
N THR C 288 -33.83 17.56 -19.95
CA THR C 288 -34.18 16.86 -21.17
C THR C 288 -32.95 16.78 -22.06
N THR C 289 -32.82 15.69 -22.81
CA THR C 289 -31.63 15.49 -23.63
C THR C 289 -31.80 16.14 -24.99
N ILE C 290 -30.68 16.47 -25.61
CA ILE C 290 -30.61 16.91 -27.00
C ILE C 290 -30.01 15.75 -27.78
N GLY C 291 -30.81 15.10 -28.61
CA GLY C 291 -30.46 13.80 -29.11
C GLY C 291 -30.49 12.90 -27.90
N THR C 292 -29.34 12.31 -27.55
CA THR C 292 -29.19 11.58 -26.29
C THR C 292 -28.22 12.30 -25.36
N LYS C 293 -27.77 13.48 -25.77
CA LYS C 293 -26.80 14.23 -25.00
C LYS C 293 -27.50 15.04 -23.91
N SER C 294 -26.96 15.01 -22.69
CA SER C 294 -27.46 15.85 -21.63
C SER C 294 -27.06 17.30 -21.88
N PHE C 295 -27.80 18.22 -21.26
CA PHE C 295 -27.52 19.65 -21.35
C PHE C 295 -26.12 19.96 -20.86
N GLU C 296 -25.76 19.34 -19.74
CA GLU C 296 -24.47 19.56 -19.10
C GLU C 296 -23.31 19.15 -20.00
N THR C 297 -23.50 18.07 -20.76
CA THR C 297 -22.53 17.62 -21.74
C THR C 297 -22.44 18.61 -22.92
N CYS C 298 -23.60 19.05 -23.39
CA CYS C 298 -23.67 19.90 -24.57
C CYS C 298 -22.96 21.23 -24.36
N ILE C 299 -23.11 21.82 -23.17
CA ILE C 299 -22.53 23.15 -22.94
C ILE C 299 -21.03 23.05 -22.65
N LYS C 300 -20.54 21.82 -22.45
CA LYS C 300 -19.09 21.57 -22.36
C LYS C 300 -18.51 21.32 -23.74
N TYR C 301 -19.08 20.34 -24.44
CA TYR C 301 -18.47 19.79 -25.66
C TYR C 301 -19.17 20.21 -26.94
N GLY C 302 -20.36 20.81 -26.81
CA GLY C 302 -21.13 21.18 -27.97
C GLY C 302 -22.07 20.08 -28.43
N LEU C 303 -22.76 20.32 -29.54
CA LEU C 303 -23.81 19.43 -30.02
C LEU C 303 -23.31 18.25 -30.85
N MET C 304 -22.02 18.27 -31.17
CA MET C 304 -21.39 17.14 -31.87
C MET C 304 -22.13 16.76 -33.15
N ASP C 305 -22.60 17.78 -33.88
CA ASP C 305 -23.32 17.57 -35.13
C ASP C 305 -22.39 17.73 -36.34
N SER D 1 -20.01 18.11 -14.20
CA SER D 1 -19.23 17.95 -12.95
C SER D 1 -18.70 16.52 -12.82
N ALA D 2 -17.92 16.28 -11.77
CA ALA D 2 -17.38 14.95 -11.51
C ALA D 2 -18.49 13.95 -11.27
N ALA D 3 -19.67 14.44 -10.92
CA ALA D 3 -20.81 13.59 -10.63
C ALA D 3 -21.30 12.79 -11.83
N SER D 4 -21.06 13.30 -13.04
CA SER D 4 -21.59 12.67 -14.25
C SER D 4 -20.51 12.16 -15.20
N ASN D 5 -19.25 12.34 -14.82
CA ASN D 5 -18.12 11.86 -15.61
C ASN D 5 -17.66 10.50 -15.09
N PRO D 6 -17.77 9.44 -15.91
CA PRO D 6 -17.36 8.12 -15.43
C PRO D 6 -15.91 8.09 -14.93
N SER D 7 -15.07 8.93 -15.52
CA SER D 7 -13.70 9.11 -15.04
C SER D 7 -12.94 7.79 -14.99
N ILE D 8 -13.12 6.97 -16.02
CA ILE D 8 -12.55 5.64 -16.03
C ILE D 8 -11.02 5.71 -16.02
N SER D 9 -10.40 4.88 -15.18
CA SER D 9 -8.95 4.78 -15.14
C SER D 9 -8.48 3.74 -16.14
N HIS D 10 -7.72 4.20 -17.15
CA HIS D 10 -7.15 3.30 -18.15
C HIS D 10 -5.64 3.23 -18.02
N ILE D 11 -5.09 2.03 -18.02
CA ILE D 11 -3.65 1.89 -17.97
C ILE D 11 -3.08 2.40 -19.29
N VAL D 12 -2.18 3.36 -19.19
CA VAL D 12 -1.53 3.95 -20.34
C VAL D 12 -0.60 2.97 -21.05
N LEU D 13 -0.82 2.81 -22.35
CA LEU D 13 0.03 1.97 -23.15
C LEU D 13 1.19 2.79 -23.69
N GLU D 14 2.40 2.37 -23.35
CA GLU D 14 3.60 2.97 -23.92
C GLU D 14 3.95 2.21 -25.19
N MET D 15 3.37 2.64 -26.30
CA MET D 15 3.66 2.07 -27.60
C MET D 15 3.93 3.21 -28.56
N PRO D 16 4.90 3.04 -29.46
CA PRO D 16 5.20 4.08 -30.44
C PRO D 16 4.10 4.25 -31.48
N VAL D 17 4.06 5.41 -32.13
CA VAL D 17 3.07 5.68 -33.16
C VAL D 17 3.20 4.68 -34.31
N ALA D 18 4.37 4.10 -34.46
CA ALA D 18 4.63 3.15 -35.53
C ALA D 18 3.90 1.82 -35.30
N ILE D 19 3.26 1.67 -34.15
CA ILE D 19 2.48 0.48 -33.87
C ILE D 19 1.20 0.46 -34.70
N ASN D 20 0.85 1.62 -35.26
CA ASN D 20 -0.43 1.78 -35.95
C ASN D 20 -0.25 2.58 -37.24
N PRO D 21 0.56 2.06 -38.17
CA PRO D 21 0.91 2.82 -39.38
C PRO D 21 -0.26 2.99 -40.36
N LEU D 22 -0.38 4.20 -40.92
CA LEU D 22 -1.34 4.46 -41.97
C LEU D 22 -0.84 3.81 -43.27
N ILE D 23 -1.62 2.89 -43.80
CA ILE D 23 -1.27 2.23 -45.07
C ILE D 23 -2.09 2.85 -46.20
N LYS D 24 -1.42 3.16 -47.30
CA LYS D 24 -2.07 3.79 -48.45
C LYS D 24 -1.89 2.95 -49.71
N TYR D 25 -2.99 2.74 -50.43
CA TYR D 25 -3.00 1.97 -51.66
C TYR D 25 -3.41 2.85 -52.85
N THR D 26 -2.45 3.11 -53.74
CA THR D 26 -2.66 4.02 -54.85
C THR D 26 -2.63 3.33 -56.22
N THR D 27 -3.71 3.53 -56.98
CA THR D 27 -3.82 3.01 -58.34
C THR D 27 -3.98 4.15 -59.34
N VAL D 31 -7.70 5.37 -55.15
CA VAL D 31 -6.78 5.42 -54.03
C VAL D 31 -7.54 5.14 -52.73
N SER D 32 -7.00 4.26 -51.90
CA SER D 32 -7.63 3.86 -50.64
C SER D 32 -6.62 3.86 -49.48
N SER D 33 -7.13 3.96 -48.25
CA SER D 33 -6.25 3.97 -47.09
C SER D 33 -6.94 3.60 -45.78
N LEU D 34 -6.18 2.92 -44.92
CA LEU D 34 -6.59 2.64 -43.55
C LEU D 34 -5.33 2.41 -42.74
N ARG D 35 -5.48 2.12 -41.45
CA ARG D 35 -4.34 1.82 -40.60
C ARG D 35 -4.13 0.32 -40.39
N GLY D 36 -2.87 -0.08 -40.42
CA GLY D 36 -2.47 -1.41 -40.00
C GLY D 36 -2.24 -1.44 -38.50
N ALA D 37 -2.25 -2.62 -37.91
CA ALA D 37 -1.96 -2.79 -36.49
C ALA D 37 -0.81 -3.79 -36.32
N VAL D 38 0.34 -3.29 -35.86
CA VAL D 38 1.51 -4.13 -35.64
C VAL D 38 1.45 -4.75 -34.26
N VAL D 39 1.08 -6.03 -34.21
CA VAL D 39 0.84 -6.72 -32.94
C VAL D 39 1.72 -7.95 -32.79
N ASN D 40 2.66 -7.87 -31.85
CA ASN D 40 3.48 -9.00 -31.44
C ASN D 40 4.16 -9.70 -32.62
N GLY D 41 4.80 -8.91 -33.48
CA GLY D 41 5.60 -9.44 -34.56
C GLY D 41 4.91 -9.48 -35.91
N TYR D 42 3.63 -9.14 -35.95
CA TYR D 42 2.86 -9.18 -37.18
C TYR D 42 2.04 -7.91 -37.34
N ILE D 43 1.97 -7.41 -38.58
CA ILE D 43 1.08 -6.31 -38.90
C ILE D 43 -0.19 -6.92 -39.46
N TYR D 44 -1.33 -6.38 -39.02
CA TYR D 44 -2.62 -6.86 -39.47
C TYR D 44 -3.30 -5.77 -40.29
N ILE D 45 -3.62 -6.11 -41.53
CA ILE D 45 -4.24 -5.17 -42.46
C ILE D 45 -5.59 -5.68 -42.90
N GLN D 46 -6.64 -4.91 -42.60
CA GLN D 46 -7.99 -5.29 -43.01
C GLN D 46 -8.06 -5.27 -44.53
N ARG D 47 -8.60 -6.35 -45.10
CA ARG D 47 -8.46 -6.63 -46.52
C ARG D 47 -9.21 -5.64 -47.42
N HIS D 48 -10.26 -5.01 -46.90
CA HIS D 48 -11.09 -4.15 -47.73
C HIS D 48 -10.33 -2.88 -48.16
N LEU D 49 -9.08 -2.74 -47.70
CA LEU D 49 -8.17 -1.74 -48.25
C LEU D 49 -8.08 -1.87 -49.77
N PHE D 50 -8.17 -3.11 -50.24
CA PHE D 50 -8.01 -3.42 -51.66
C PHE D 50 -9.33 -3.62 -52.41
N GLY D 51 -10.47 -3.41 -51.75
CA GLY D 51 -11.74 -3.57 -52.43
C GLY D 51 -12.89 -4.08 -51.59
N SER D 52 -14.11 -3.84 -52.08
CA SER D 52 -15.34 -4.21 -51.38
C SER D 52 -16.02 -5.39 -52.07
N LYS D 53 -15.25 -6.15 -52.86
CA LYS D 53 -15.74 -7.39 -53.46
C LYS D 53 -14.65 -8.47 -53.44
N GLU D 56 -13.77 -7.58 -56.95
CA GLU D 56 -12.83 -6.48 -57.02
C GLU D 56 -11.59 -6.72 -56.16
N PHE D 57 -11.82 -7.23 -54.95
CA PHE D 57 -10.74 -7.43 -53.98
C PHE D 57 -9.67 -8.38 -54.49
N GLU D 58 -10.09 -9.53 -55.00
CA GLU D 58 -9.15 -10.56 -55.44
C GLU D 58 -8.25 -10.02 -56.55
N ALA D 59 -8.78 -9.11 -57.34
CA ALA D 59 -8.03 -8.50 -58.44
C ALA D 59 -6.92 -7.56 -57.97
N CYS D 60 -7.24 -6.70 -57.00
CA CYS D 60 -6.30 -5.70 -56.51
C CYS D 60 -5.22 -6.27 -55.60
N TYR D 61 -5.60 -7.24 -54.77
CA TYR D 61 -4.67 -7.86 -53.83
C TYR D 61 -3.57 -8.69 -54.53
N ASN D 62 -3.96 -9.45 -55.55
CA ASN D 62 -2.99 -10.16 -56.39
C ASN D 62 -2.01 -11.02 -55.59
N CYS D 70 2.06 -0.31 -51.82
CA CYS D 70 1.51 0.34 -50.62
C CYS D 70 2.56 1.15 -49.88
N LYS D 71 2.18 2.35 -49.45
CA LYS D 71 3.05 3.22 -48.67
C LYS D 71 3.07 2.85 -47.17
N ASN D 72 4.17 3.19 -46.52
CA ASN D 72 4.35 2.95 -45.09
C ASN D 72 4.34 1.47 -44.75
N LEU D 73 4.78 0.67 -45.70
CA LEU D 73 4.88 -0.78 -45.54
C LEU D 73 6.22 -1.25 -46.12
N GLU D 74 7.31 -0.65 -45.66
CA GLU D 74 8.62 -0.86 -46.26
C GLU D 74 9.10 -2.30 -46.13
N ARG D 75 9.66 -2.82 -47.22
CA ARG D 75 10.21 -4.17 -47.25
C ARG D 75 11.33 -4.30 -46.21
N SER D 76 11.93 -3.18 -45.85
CA SER D 76 12.97 -3.16 -44.83
C SER D 76 12.42 -3.57 -43.47
N LYS D 77 11.16 -3.19 -43.20
CA LYS D 77 10.53 -3.47 -41.93
C LYS D 77 9.76 -4.80 -41.90
N TYR D 78 9.03 -5.09 -42.98
CA TYR D 78 8.14 -6.25 -43.00
C TYR D 78 8.55 -7.29 -44.05
N ASP D 79 8.31 -8.56 -43.71
CA ASP D 79 8.58 -9.67 -44.62
C ASP D 79 7.37 -9.90 -45.52
N ILE D 80 7.29 -9.09 -46.58
CA ILE D 80 6.15 -9.09 -47.48
C ILE D 80 5.90 -10.44 -48.12
N ASP D 81 6.97 -11.11 -48.54
CA ASP D 81 6.88 -12.39 -49.23
C ASP D 81 6.16 -13.44 -48.39
N SER D 82 6.15 -13.26 -47.08
CA SER D 82 5.53 -14.20 -46.16
C SER D 82 4.13 -13.75 -45.74
N ALA D 83 3.51 -12.90 -46.56
CA ALA D 83 2.16 -12.43 -46.29
C ALA D 83 1.16 -13.58 -46.34
N GLU D 84 0.14 -13.52 -45.49
CA GLU D 84 -0.91 -14.53 -45.43
C GLU D 84 -2.30 -13.88 -45.35
N LEU D 85 -3.18 -14.28 -46.26
CA LEU D 85 -4.58 -13.87 -46.21
C LEU D 85 -5.35 -14.81 -45.29
N ILE D 86 -5.69 -14.32 -44.10
CA ILE D 86 -6.43 -15.10 -43.12
C ILE D 86 -7.82 -14.50 -42.91
N GLY D 87 -8.84 -15.14 -43.46
CA GLY D 87 -10.19 -14.63 -43.35
C GLY D 87 -10.29 -13.24 -43.97
N THR D 88 -10.64 -12.26 -43.14
CA THR D 88 -10.77 -10.88 -43.60
C THR D 88 -9.53 -10.05 -43.31
N LEU D 89 -8.49 -10.69 -42.78
CA LEU D 89 -7.26 -9.98 -42.42
C LEU D 89 -6.04 -10.43 -43.22
N ILE D 90 -5.19 -9.47 -43.58
CA ILE D 90 -3.90 -9.76 -44.19
C ILE D 90 -2.84 -9.65 -43.11
N ARG D 91 -2.15 -10.76 -42.84
CA ARG D 91 -1.13 -10.81 -41.81
C ARG D 91 0.27 -10.94 -42.43
N ILE D 92 1.17 -10.02 -42.07
CA ILE D 92 2.54 -10.03 -42.57
C ILE D 92 3.54 -10.00 -41.42
N PRO D 93 4.54 -10.91 -41.42
CA PRO D 93 5.51 -10.85 -40.32
C PRO D 93 6.47 -9.67 -40.40
N LEU D 94 6.77 -9.07 -39.25
CA LEU D 94 7.88 -8.13 -39.15
C LEU D 94 9.18 -8.92 -39.23
N HIS D 95 10.22 -8.33 -39.83
CA HIS D 95 11.53 -8.97 -39.86
C HIS D 95 12.08 -9.09 -38.43
N ASP D 96 11.94 -8.00 -37.67
CA ASP D 96 12.32 -7.99 -36.25
C ASP D 96 11.05 -7.98 -35.40
N LYS D 97 10.69 -9.15 -34.87
CA LYS D 97 9.45 -9.31 -34.12
C LYS D 97 9.39 -8.42 -32.87
N HIS D 98 10.56 -8.01 -32.38
CA HIS D 98 10.65 -7.21 -31.16
C HIS D 98 10.91 -5.73 -31.44
N SER D 99 10.98 -5.36 -32.71
CA SER D 99 11.25 -3.96 -33.08
C SER D 99 10.15 -3.05 -32.55
N ILE D 100 8.94 -3.58 -32.46
CA ILE D 100 7.82 -2.87 -31.85
C ILE D 100 7.44 -3.61 -30.57
N PRO D 101 7.27 -2.88 -29.45
CA PRO D 101 6.98 -3.60 -28.21
C PRO D 101 5.69 -4.40 -28.26
N HIS D 102 5.73 -5.60 -27.70
CA HIS D 102 4.56 -6.45 -27.68
C HIS D 102 3.56 -5.95 -26.65
N ILE D 103 2.31 -6.35 -26.81
CA ILE D 103 1.23 -5.87 -25.96
C ILE D 103 0.42 -7.05 -25.45
N SER D 104 -0.30 -6.83 -24.35
CA SER D 104 -1.15 -7.89 -23.80
C SER D 104 -2.38 -8.06 -24.66
N ILE D 105 -2.82 -9.31 -24.79
CA ILE D 105 -3.99 -9.66 -25.60
C ILE D 105 -5.10 -10.18 -24.71
N HIS D 106 -6.30 -9.63 -24.86
CA HIS D 106 -7.45 -10.14 -24.13
C HIS D 106 -7.77 -11.55 -24.66
N PRO D 107 -7.94 -12.52 -23.75
CA PRO D 107 -8.12 -13.92 -24.16
C PRO D 107 -9.50 -14.24 -24.76
N ASP D 108 -10.44 -13.31 -24.65
CA ASP D 108 -11.81 -13.57 -25.10
C ASP D 108 -12.54 -12.26 -25.40
N PRO D 109 -12.12 -11.57 -26.47
CA PRO D 109 -12.51 -10.18 -26.75
C PRO D 109 -14.02 -9.90 -26.87
N LEU D 110 -14.73 -10.76 -27.59
CA LEU D 110 -16.14 -10.54 -27.84
C LEU D 110 -17.02 -10.76 -26.61
N SER D 111 -16.42 -11.26 -25.53
CA SER D 111 -17.14 -11.44 -24.29
C SER D 111 -17.03 -10.20 -23.42
N TYR D 112 -16.13 -9.29 -23.79
CA TYR D 112 -15.89 -8.12 -22.96
C TYR D 112 -17.03 -7.11 -23.01
N ASN D 113 -17.34 -6.56 -21.84
CA ASN D 113 -18.32 -5.51 -21.69
C ASN D 113 -17.82 -4.48 -20.69
N GLY D 114 -17.60 -3.25 -21.15
CA GLY D 114 -17.10 -2.21 -20.27
C GLY D 114 -16.34 -1.11 -20.99
N PRO D 115 -15.73 -0.20 -20.23
CA PRO D 115 -14.93 0.89 -20.79
C PRO D 115 -13.79 0.40 -21.69
N VAL D 116 -13.49 1.16 -22.74
CA VAL D 116 -12.37 0.85 -23.62
C VAL D 116 -11.68 2.12 -24.06
N THR D 117 -10.48 1.96 -24.61
CA THR D 117 -9.81 3.05 -25.29
C THR D 117 -9.66 2.72 -26.77
N LEU D 118 -9.61 3.76 -27.59
CA LEU D 118 -9.29 3.61 -29.01
C LEU D 118 -8.00 4.36 -29.30
N TYR D 119 -7.01 3.65 -29.82
CA TYR D 119 -5.75 4.26 -30.22
C TYR D 119 -5.70 4.43 -31.74
N LEU D 120 -5.29 5.62 -32.17
CA LEU D 120 -5.24 6.00 -33.57
C LEU D 120 -4.03 6.85 -33.86
N SER D 121 -3.31 6.51 -34.92
CA SER D 121 -2.27 7.39 -35.42
C SER D 121 -2.95 8.56 -36.14
N ARG D 122 -2.41 9.76 -35.96
CA ARG D 122 -2.89 10.94 -36.66
C ARG D 122 -1.71 11.81 -37.03
N TYR D 123 -1.86 12.57 -38.11
CA TYR D 123 -0.85 13.56 -38.46
C TYR D 123 -1.18 14.86 -37.77
N ASP D 124 -0.26 15.32 -36.94
CA ASP D 124 -0.46 16.57 -36.21
C ASP D 124 0.24 17.69 -36.95
N THR D 125 -0.55 18.63 -37.46
CA THR D 125 0.00 19.74 -38.22
C THR D 125 0.69 20.75 -37.29
N GLU D 126 1.90 20.39 -36.88
CA GLU D 126 2.74 21.23 -36.02
C GLU D 126 3.96 20.44 -35.57
N ASP D 130 3.33 12.61 -37.28
CA ASP D 130 2.42 11.52 -36.98
C ASP D 130 2.48 11.16 -35.49
N VAL D 131 1.32 11.20 -34.82
CA VAL D 131 1.27 10.98 -33.38
C VAL D 131 0.20 9.96 -33.02
N LEU D 132 0.41 9.27 -31.91
CA LEU D 132 -0.57 8.32 -31.40
C LEU D 132 -1.61 9.04 -30.57
N CYS D 133 -2.88 8.81 -30.90
CA CYS D 133 -3.97 9.46 -30.18
C CYS D 133 -4.88 8.44 -29.50
N VAL D 134 -5.29 8.75 -28.28
CA VAL D 134 -6.16 7.89 -27.51
C VAL D 134 -7.54 8.53 -27.31
N HIS D 135 -8.57 7.69 -27.28
CA HIS D 135 -9.95 8.11 -27.07
C HIS D 135 -10.60 7.16 -26.08
N THR D 136 -11.50 7.69 -25.25
CA THR D 136 -12.19 6.86 -24.26
C THR D 136 -13.62 6.57 -24.68
N GLY D 137 -14.11 5.39 -24.32
CA GLY D 137 -15.46 5.00 -24.66
C GLY D 137 -15.93 3.74 -23.95
N PHE D 138 -16.99 3.14 -24.49
CA PHE D 138 -17.61 1.96 -23.90
C PHE D 138 -17.83 0.92 -25.00
N MET D 139 -17.68 -0.36 -24.64
CA MET D 139 -17.90 -1.45 -25.60
C MET D 139 -18.79 -2.54 -25.02
N SER D 140 -19.66 -3.07 -25.86
CA SER D 140 -20.48 -4.23 -25.52
C SER D 140 -20.35 -5.29 -26.62
N GLU D 141 -19.63 -6.36 -26.33
CA GLU D 141 -19.44 -7.47 -27.25
C GLU D 141 -19.05 -7.02 -28.67
N GLY D 142 -18.00 -6.24 -28.78
CA GLY D 142 -17.46 -5.86 -30.08
C GLY D 142 -18.16 -4.69 -30.75
N HIS D 143 -19.06 -4.04 -30.01
CA HIS D 143 -19.73 -2.83 -30.49
C HIS D 143 -19.50 -1.69 -29.51
N HIS D 144 -18.93 -0.59 -30.00
CA HIS D 144 -18.54 0.52 -29.12
C HIS D 144 -19.16 1.86 -29.53
N ASP D 145 -18.80 2.91 -28.81
CA ASP D 145 -19.46 4.21 -28.94
C ASP D 145 -18.47 5.36 -29.17
N ILE D 146 -17.27 5.04 -29.64
CA ILE D 146 -16.28 6.07 -29.94
C ILE D 146 -16.44 6.50 -31.40
N LYS D 147 -16.67 7.80 -31.60
CA LYS D 147 -16.90 8.36 -32.93
C LYS D 147 -15.72 8.16 -33.87
N THR D 148 -15.99 7.66 -35.07
CA THR D 148 -14.96 7.48 -36.09
C THR D 148 -15.39 8.05 -37.44
N VAL D 149 -14.40 8.22 -38.32
CA VAL D 149 -14.61 8.74 -39.67
C VAL D 149 -14.01 7.74 -40.67
N PHE D 150 -14.22 7.99 -41.97
CA PHE D 150 -13.84 7.05 -43.02
C PHE D 150 -12.41 6.49 -42.95
N GLY D 151 -11.43 7.35 -42.68
CA GLY D 151 -10.04 6.91 -42.63
C GLY D 151 -9.65 6.11 -41.39
N ASP D 152 -10.52 6.09 -40.38
CA ASP D 152 -10.16 5.57 -39.07
C ASP D 152 -10.13 4.03 -38.89
N CYS D 153 -10.42 3.26 -39.93
CA CYS D 153 -10.29 1.81 -39.82
C CYS D 153 -8.86 1.42 -39.47
N GLY D 154 -8.70 0.45 -38.58
CA GLY D 154 -7.39 0.03 -38.12
C GLY D 154 -7.03 0.51 -36.72
N GLY D 155 -7.83 1.43 -36.19
CA GLY D 155 -7.67 1.87 -34.81
C GLY D 155 -7.70 0.69 -33.86
N MET D 156 -6.89 0.74 -32.80
CA MET D 156 -6.70 -0.39 -31.90
C MET D 156 -7.47 -0.17 -30.60
N LEU D 157 -8.35 -1.12 -30.27
CA LEU D 157 -9.20 -1.04 -29.10
C LEU D 157 -8.69 -1.88 -27.93
N PHE D 158 -8.64 -1.27 -26.75
CA PHE D 158 -8.09 -1.90 -25.55
C PHE D 158 -9.06 -1.85 -24.37
N ASP D 159 -8.94 -2.80 -23.44
CA ASP D 159 -9.65 -2.73 -22.18
C ASP D 159 -8.84 -1.89 -21.19
N PRO D 160 -9.40 -1.57 -20.02
CA PRO D 160 -8.73 -0.64 -19.10
C PRO D 160 -7.38 -1.13 -18.58
N LYS D 161 -7.12 -2.43 -18.70
CA LYS D 161 -5.84 -2.99 -18.25
C LYS D 161 -4.82 -3.07 -19.39
N GLY D 162 -5.19 -2.57 -20.57
CA GLY D 162 -4.26 -2.49 -21.68
C GLY D 162 -4.17 -3.74 -22.54
N ARG D 163 -5.23 -4.55 -22.52
CA ARG D 163 -5.28 -5.75 -23.33
C ARG D 163 -5.99 -5.48 -24.66
N LEU D 164 -5.36 -5.88 -25.76
CA LEU D 164 -5.92 -5.64 -27.07
C LEU D 164 -7.23 -6.42 -27.22
N LEU D 165 -8.28 -5.71 -27.61
CA LEU D 165 -9.57 -6.34 -27.89
C LEU D 165 -9.68 -6.64 -29.37
N GLY D 166 -9.29 -5.68 -30.20
CA GLY D 166 -9.36 -5.84 -31.64
C GLY D 166 -9.21 -4.54 -32.40
N LEU D 167 -9.66 -4.56 -33.65
CA LEU D 167 -9.49 -3.46 -34.57
C LEU D 167 -10.84 -2.89 -34.99
N HIS D 168 -10.94 -1.56 -35.02
CA HIS D 168 -12.12 -0.91 -35.55
C HIS D 168 -12.18 -1.20 -37.05
N CYS D 169 -13.36 -1.56 -37.55
CA CYS D 169 -13.44 -2.03 -38.93
C CYS D 169 -14.71 -1.61 -39.69
N ALA D 170 -15.77 -1.25 -38.98
CA ALA D 170 -17.02 -0.94 -39.65
C ALA D 170 -17.98 -0.16 -38.77
N GLY D 171 -19.03 0.37 -39.39
CA GLY D 171 -20.05 1.11 -38.66
C GLY D 171 -21.26 1.46 -39.51
N SER D 172 -22.20 2.17 -38.90
CA SER D 172 -23.40 2.62 -39.60
C SER D 172 -23.96 3.86 -38.92
N ASP D 173 -24.71 4.65 -39.68
CA ASP D 173 -25.31 5.87 -39.16
C ASP D 173 -26.42 5.56 -38.17
N ASP D 174 -27.09 4.43 -38.37
CA ASP D 174 -28.22 4.05 -37.53
C ASP D 174 -28.33 2.53 -37.49
N VAL D 175 -29.17 2.02 -36.60
CA VAL D 175 -29.43 0.59 -36.52
C VAL D 175 -30.93 0.34 -36.39
N VAL D 176 -31.35 -0.88 -36.72
CA VAL D 176 -32.72 -1.31 -36.47
C VAL D 176 -32.74 -2.11 -35.15
N PHE D 177 -33.75 -1.87 -34.33
CA PHE D 177 -33.90 -2.53 -33.03
C PHE D 177 -34.99 -3.61 -33.03
N MET D 178 -34.66 -4.81 -32.54
CA MET D 178 -35.64 -5.88 -32.43
C MET D 178 -35.10 -6.98 -31.54
N ASP D 179 -35.97 -7.89 -31.10
CA ASP D 179 -35.49 -9.09 -30.42
C ASP D 179 -35.07 -10.07 -31.50
N THR D 180 -33.77 -10.16 -31.69
CA THR D 180 -33.19 -10.96 -32.75
C THR D 180 -33.40 -12.46 -32.51
N THR D 181 -33.48 -12.83 -31.24
CA THR D 181 -33.76 -14.22 -30.86
C THR D 181 -35.13 -14.66 -31.36
N THR D 182 -36.13 -13.80 -31.18
CA THR D 182 -37.52 -14.13 -31.47
C THR D 182 -38.04 -13.54 -32.77
N GLY D 183 -37.26 -12.65 -33.37
CA GLY D 183 -37.68 -11.98 -34.60
C GLY D 183 -38.86 -11.06 -34.39
N LYS D 184 -39.20 -10.81 -33.13
CA LYS D 184 -40.31 -9.93 -32.77
C LYS D 184 -39.77 -8.54 -32.48
N SER D 185 -40.64 -7.54 -32.59
CA SER D 185 -40.30 -6.19 -32.17
C SER D 185 -40.13 -6.16 -30.66
N ASN D 186 -39.41 -5.16 -30.17
CA ASN D 186 -39.29 -4.93 -28.75
C ASN D 186 -39.45 -3.44 -28.46
N ILE D 187 -39.13 -3.01 -27.26
CA ILE D 187 -39.43 -1.65 -26.86
C ILE D 187 -38.58 -0.63 -27.60
N TRP D 188 -37.50 -1.10 -28.21
CA TRP D 188 -36.56 -0.23 -28.90
C TRP D 188 -36.82 -0.09 -30.40
N THR D 189 -37.73 -0.89 -30.92
CA THR D 189 -37.97 -0.87 -32.36
C THR D 189 -38.46 0.50 -32.83
N SER D 190 -39.26 1.17 -32.00
CA SER D 190 -39.81 2.48 -32.34
C SER D 190 -38.87 3.63 -32.00
N TYR D 191 -37.66 3.31 -31.52
CA TYR D 191 -36.73 4.32 -31.03
C TYR D 191 -36.52 5.42 -32.08
N LYS D 192 -36.78 6.66 -31.67
CA LYS D 192 -36.82 7.78 -32.58
C LYS D 192 -35.43 8.41 -32.75
N LEU D 193 -34.57 8.24 -31.75
CA LEU D 193 -33.21 8.78 -31.86
C LEU D 193 -32.33 7.85 -32.67
N GLN D 194 -31.46 8.44 -33.48
CA GLN D 194 -30.46 7.69 -34.23
C GLN D 194 -29.43 7.09 -33.29
N HIS D 195 -29.14 5.81 -33.48
CA HIS D 195 -28.12 5.15 -32.69
C HIS D 195 -27.09 4.50 -33.61
N PRO D 196 -26.05 5.26 -34.00
CA PRO D 196 -25.04 4.71 -34.91
C PRO D 196 -24.27 3.55 -34.28
N SER D 197 -23.69 2.70 -35.13
CA SER D 197 -22.88 1.59 -34.65
C SER D 197 -21.42 1.84 -34.96
N GLU D 198 -20.56 1.37 -34.06
CA GLU D 198 -19.12 1.34 -34.28
C GLU D 198 -18.70 -0.10 -33.96
N ILE D 199 -18.07 -0.76 -34.93
CA ILE D 199 -17.90 -2.22 -34.87
C ILE D 199 -16.44 -2.65 -34.92
N MET D 200 -16.13 -3.68 -34.12
CA MET D 200 -14.77 -4.19 -33.96
C MET D 200 -14.63 -5.58 -34.60
N ILE D 201 -13.42 -5.90 -35.04
CA ILE D 201 -13.07 -7.28 -35.41
C ILE D 201 -11.81 -7.69 -34.66
N THR D 202 -11.75 -8.94 -34.23
CA THR D 202 -10.58 -9.44 -33.50
C THR D 202 -9.49 -9.88 -34.46
N LEU D 203 -8.30 -10.12 -33.92
CA LEU D 203 -7.18 -10.59 -34.74
C LEU D 203 -7.44 -12.02 -35.24
N ASN D 204 -8.42 -12.69 -34.65
CA ASN D 204 -8.82 -14.03 -35.10
C ASN D 204 -10.13 -13.97 -35.91
N ASN D 205 -10.37 -12.82 -36.53
CA ASN D 205 -11.51 -12.62 -37.43
C ASN D 205 -12.88 -12.79 -36.78
N GLU D 206 -12.94 -12.67 -35.46
CA GLU D 206 -14.22 -12.65 -34.76
C GLU D 206 -14.85 -11.27 -34.84
N ILE D 207 -16.11 -11.22 -35.25
CA ILE D 207 -16.85 -9.98 -35.33
C ILE D 207 -18.31 -10.29 -35.02
N ASN D 208 -18.92 -9.48 -34.17
CA ASN D 208 -20.28 -9.76 -33.72
C ASN D 208 -21.28 -9.26 -34.74
N LEU D 209 -21.36 -9.99 -35.85
CA LEU D 209 -22.30 -9.73 -36.91
C LEU D 209 -22.70 -11.07 -37.51
N PRO D 210 -23.92 -11.16 -38.07
CA PRO D 210 -24.24 -12.37 -38.83
C PRO D 210 -23.37 -12.47 -40.08
N ASN D 211 -23.09 -13.70 -40.52
CA ASN D 211 -22.23 -13.92 -41.67
C ASN D 211 -20.90 -13.19 -41.52
N PRO D 212 -20.13 -13.53 -40.48
CA PRO D 212 -18.84 -12.90 -40.18
C PRO D 212 -17.77 -13.24 -41.21
N ALA D 213 -17.92 -14.38 -41.89
CA ALA D 213 -16.90 -14.86 -42.81
C ALA D 213 -16.65 -13.88 -43.95
N ASN D 214 -17.69 -13.20 -44.40
CA ASN D 214 -17.58 -12.24 -45.49
C ASN D 214 -18.38 -10.96 -45.26
N TYR D 215 -18.42 -10.51 -44.01
CA TYR D 215 -19.18 -9.33 -43.63
C TYR D 215 -18.77 -8.08 -44.44
N ASP D 216 -17.49 -7.98 -44.78
CA ASP D 216 -16.96 -6.77 -45.41
C ASP D 216 -17.21 -6.79 -46.93
N LYS D 221 -27.43 -3.97 -43.36
CA LYS D 221 -27.97 -3.30 -42.19
C LYS D 221 -27.43 -3.90 -40.90
N VAL D 222 -27.34 -3.07 -39.86
CA VAL D 222 -26.94 -3.51 -38.53
C VAL D 222 -28.15 -3.62 -37.60
N VAL D 223 -28.29 -4.77 -36.95
CA VAL D 223 -29.42 -5.02 -36.05
C VAL D 223 -28.96 -5.16 -34.59
N TYR D 224 -29.50 -4.30 -33.75
CA TYR D 224 -29.25 -4.33 -32.31
C TYR D 224 -30.51 -4.81 -31.60
N GLN D 225 -30.35 -5.37 -30.41
CA GLN D 225 -31.50 -5.72 -29.58
C GLN D 225 -31.87 -4.55 -28.68
N HIS D 226 -30.87 -3.74 -28.36
CA HIS D 226 -31.00 -2.65 -27.40
C HIS D 226 -29.81 -1.72 -27.56
N PRO D 227 -29.91 -0.51 -26.98
CA PRO D 227 -28.75 0.38 -26.97
C PRO D 227 -27.59 -0.26 -26.20
N LEU D 228 -26.37 0.22 -26.44
CA LEU D 228 -25.20 -0.30 -25.74
C LEU D 228 -25.42 -0.22 -24.23
N ARG D 229 -25.18 -1.33 -23.54
CA ARG D 229 -25.46 -1.39 -22.10
C ARG D 229 -24.65 -2.42 -21.34
N ASN D 230 -24.43 -2.10 -20.07
CA ASN D 230 -23.88 -3.03 -19.10
C ASN D 230 -25.03 -3.56 -18.23
N VAL D 231 -25.04 -4.86 -17.96
CA VAL D 231 -26.17 -5.50 -17.29
C VAL D 231 -26.39 -4.94 -15.88
N CYS D 232 -25.33 -4.91 -15.07
CA CYS D 232 -25.45 -4.40 -13.70
C CYS D 232 -25.85 -2.93 -13.70
N ALA D 233 -25.24 -2.14 -14.59
CA ALA D 233 -25.54 -0.72 -14.69
C ALA D 233 -27.00 -0.51 -15.10
N THR D 234 -27.51 -1.36 -15.98
CA THR D 234 -28.90 -1.24 -16.44
C THR D 234 -29.88 -1.53 -15.31
N LEU D 235 -29.58 -2.56 -14.52
CA LEU D 235 -30.44 -2.93 -13.41
C LEU D 235 -30.48 -1.84 -12.34
N GLU D 236 -29.30 -1.28 -12.02
CA GLU D 236 -29.22 -0.18 -11.07
C GLU D 236 -30.05 1.02 -11.56
N THR D 237 -29.93 1.32 -12.85
CA THR D 237 -30.65 2.43 -13.44
C THR D 237 -32.17 2.21 -13.38
N LEU D 238 -32.60 1.02 -13.78
CA LEU D 238 -34.02 0.69 -13.81
C LEU D 238 -34.63 0.64 -12.40
N GLN D 239 -33.85 0.16 -11.44
CA GLN D 239 -34.30 0.12 -10.05
C GLN D 239 -34.51 1.53 -9.54
N HIS D 240 -33.58 2.41 -9.87
CA HIS D 240 -33.65 3.79 -9.45
C HIS D 240 -34.88 4.51 -10.01
N LEU D 241 -35.18 4.27 -11.28
CA LEU D 241 -36.27 4.96 -11.94
C LEU D 241 -37.64 4.43 -11.53
N THR D 242 -37.74 3.12 -11.28
CA THR D 242 -39.04 2.47 -11.15
C THR D 242 -39.36 1.93 -9.77
N ASN D 243 -38.38 1.89 -8.88
CA ASN D 243 -38.56 1.25 -7.57
C ASN D 243 -37.54 1.76 -6.56
N LYS D 244 -37.73 3.00 -6.10
CA LYS D 244 -36.71 3.70 -5.32
C LYS D 244 -36.44 3.09 -3.95
N THR D 245 -37.42 2.39 -3.37
CA THR D 245 -37.22 1.74 -2.08
C THR D 245 -36.61 0.36 -2.26
N ASN D 246 -36.42 -0.04 -3.51
CA ASN D 246 -35.90 -1.37 -3.84
C ASN D 246 -36.68 -2.47 -3.17
N ALA D 247 -38.00 -2.34 -3.12
CA ALA D 247 -38.83 -3.43 -2.62
C ALA D 247 -38.64 -4.63 -3.55
N LYS D 248 -38.67 -5.83 -2.99
CA LYS D 248 -38.49 -7.03 -3.78
C LYS D 248 -39.68 -7.22 -4.72
N LEU D 249 -39.42 -7.12 -6.01
CA LEU D 249 -40.44 -7.33 -7.03
C LEU D 249 -39.95 -8.44 -7.94
N PRO D 250 -40.87 -9.24 -8.48
CA PRO D 250 -40.46 -10.36 -9.33
C PRO D 250 -39.88 -9.93 -10.68
N TYR D 251 -39.12 -10.85 -11.28
CA TYR D 251 -38.54 -10.67 -12.59
C TYR D 251 -39.57 -10.49 -13.70
N ASP D 252 -39.37 -9.46 -14.52
CA ASP D 252 -40.20 -9.23 -15.70
C ASP D 252 -39.50 -9.83 -16.91
N SER D 253 -40.18 -10.73 -17.61
CA SER D 253 -39.56 -11.47 -18.70
C SER D 253 -39.16 -10.55 -19.86
N ARG D 254 -39.74 -9.36 -19.91
CA ARG D 254 -39.39 -8.39 -20.94
C ARG D 254 -37.96 -7.86 -20.76
N LEU D 255 -37.37 -8.08 -19.58
CA LEU D 255 -35.97 -7.73 -19.38
C LEU D 255 -35.09 -8.51 -20.35
N LEU D 256 -35.52 -9.71 -20.70
CA LEU D 256 -34.76 -10.52 -21.63
C LEU D 256 -34.92 -9.97 -23.06
N SER D 257 -36.15 -9.72 -23.47
CA SER D 257 -36.41 -9.29 -24.84
C SER D 257 -36.04 -7.83 -25.10
N ASP D 258 -36.17 -6.95 -24.11
CA ASP D 258 -35.88 -5.53 -24.29
C ASP D 258 -34.42 -5.16 -23.97
N PHE D 259 -33.78 -5.91 -23.08
CA PHE D 259 -32.42 -5.57 -22.62
C PHE D 259 -31.45 -6.76 -22.61
N ASN D 260 -31.96 -7.95 -22.95
CA ASN D 260 -31.18 -9.19 -22.86
C ASN D 260 -30.54 -9.34 -21.49
N ILE D 261 -31.36 -9.13 -20.46
CA ILE D 261 -30.97 -9.41 -19.08
C ILE D 261 -31.78 -10.60 -18.57
N THR D 262 -31.09 -11.58 -18.02
CA THR D 262 -31.73 -12.83 -17.60
C THR D 262 -32.29 -12.75 -16.18
N ALA D 263 -33.10 -13.74 -15.83
CA ALA D 263 -33.65 -13.87 -14.49
C ALA D 263 -32.55 -14.10 -13.48
N GLU D 264 -31.56 -14.92 -13.84
CA GLU D 264 -30.44 -15.23 -12.96
C GLU D 264 -29.69 -13.95 -12.57
N GLN D 265 -29.48 -13.08 -13.56
CA GLN D 265 -28.78 -11.82 -13.32
C GLN D 265 -29.60 -10.91 -12.43
N TYR D 266 -30.90 -10.85 -12.71
CA TYR D 266 -31.82 -10.03 -11.93
C TYR D 266 -31.80 -10.42 -10.46
N ASN D 267 -31.98 -11.71 -10.18
CA ASN D 267 -31.97 -12.20 -8.81
C ASN D 267 -30.60 -11.98 -8.18
N GLN D 268 -29.57 -12.06 -9.02
CA GLN D 268 -28.19 -11.97 -8.57
C GLN D 268 -27.79 -10.59 -8.03
N TYR D 269 -28.14 -9.54 -8.75
CA TYR D 269 -27.62 -8.21 -8.43
C TYR D 269 -28.44 -7.52 -7.33
N GLY D 270 -29.65 -7.99 -7.10
CA GLY D 270 -30.49 -7.48 -6.04
C GLY D 270 -31.01 -6.07 -6.27
N TYR D 271 -31.04 -5.65 -7.54
CA TYR D 271 -31.71 -4.41 -7.93
C TYR D 271 -33.10 -4.73 -8.45
N TYR D 272 -34.12 -4.51 -7.62
CA TYR D 272 -35.46 -4.90 -8.00
C TYR D 272 -36.16 -3.78 -8.78
N ILE D 273 -36.92 -4.20 -9.78
CA ILE D 273 -37.46 -3.30 -10.79
C ILE D 273 -38.96 -3.51 -10.95
N ASP D 274 -39.68 -2.40 -11.07
CA ASP D 274 -41.06 -2.40 -11.50
C ASP D 274 -41.02 -2.16 -12.99
N TYR D 275 -40.88 -3.20 -13.78
CA TYR D 275 -40.61 -3.00 -15.20
C TYR D 275 -41.79 -2.43 -15.97
N ASN D 276 -43.01 -2.76 -15.55
CA ASN D 276 -44.19 -2.19 -16.19
C ASN D 276 -44.17 -0.66 -16.10
N ASN D 277 -43.69 -0.13 -14.98
CA ASN D 277 -43.57 1.32 -14.81
C ASN D 277 -42.64 1.92 -15.88
N PHE D 278 -41.56 1.21 -16.19
CA PHE D 278 -40.63 1.64 -17.22
C PHE D 278 -41.31 1.68 -18.58
N VAL D 279 -42.04 0.62 -18.88
CA VAL D 279 -42.75 0.51 -20.15
C VAL D 279 -43.77 1.65 -20.36
N ASN D 280 -44.55 1.96 -19.33
CA ASN D 280 -45.58 3.00 -19.44
C ASN D 280 -45.04 4.42 -19.42
N ASN D 281 -43.76 4.60 -19.09
CA ASN D 281 -43.14 5.93 -19.07
C ASN D 281 -41.87 5.93 -19.91
N PHE D 282 -41.85 5.07 -20.92
CA PHE D 282 -40.67 4.84 -21.73
C PHE D 282 -40.09 6.13 -22.30
N ASN D 283 -40.92 6.95 -22.94
CA ASN D 283 -40.43 8.15 -23.60
C ASN D 283 -39.81 9.11 -22.60
N ARG D 284 -40.47 9.32 -21.47
CA ARG D 284 -39.95 10.20 -20.44
C ARG D 284 -38.63 9.68 -19.86
N TYR D 285 -38.57 8.40 -19.53
CA TYR D 285 -37.39 7.83 -18.90
C TYR D 285 -36.18 7.85 -19.84
N THR D 286 -36.42 7.75 -21.15
CA THR D 286 -35.33 7.70 -22.12
C THR D 286 -34.91 9.07 -22.66
N THR D 287 -35.66 10.11 -22.32
CA THR D 287 -35.34 11.48 -22.77
C THR D 287 -35.06 12.40 -21.58
N THR D 288 -35.19 11.85 -20.37
CA THR D 288 -34.95 12.62 -19.15
C THR D 288 -33.68 12.13 -18.46
N THR D 289 -32.99 13.05 -17.79
CA THR D 289 -31.73 12.75 -17.15
C THR D 289 -31.93 12.21 -15.73
N ILE D 290 -30.95 11.44 -15.26
CA ILE D 290 -30.86 11.03 -13.86
C ILE D 290 -29.70 11.78 -13.25
N GLY D 291 -29.99 12.68 -12.33
CA GLY D 291 -29.01 13.68 -11.96
C GLY D 291 -28.84 14.59 -13.17
N THR D 292 -27.63 14.62 -13.72
CA THR D 292 -27.38 15.30 -14.98
C THR D 292 -27.01 14.28 -16.06
N LYS D 293 -27.10 13.00 -15.69
CA LYS D 293 -26.71 11.90 -16.58
C LYS D 293 -27.84 11.47 -17.51
N SER D 294 -27.50 11.23 -18.77
CA SER D 294 -28.46 10.67 -19.71
C SER D 294 -28.72 9.21 -19.39
N PHE D 295 -29.86 8.70 -19.86
CA PHE D 295 -30.23 7.30 -19.67
C PHE D 295 -29.21 6.36 -20.31
N GLU D 296 -28.81 6.66 -21.53
CA GLU D 296 -27.88 5.80 -22.26
C GLU D 296 -26.52 5.75 -21.57
N THR D 297 -26.13 6.85 -20.94
CA THR D 297 -24.91 6.90 -20.15
C THR D 297 -25.05 6.02 -18.90
N CYS D 298 -26.20 6.11 -18.23
CA CYS D 298 -26.44 5.40 -16.97
C CYS D 298 -26.43 3.87 -17.14
N ILE D 299 -26.98 3.38 -18.25
CA ILE D 299 -27.06 1.94 -18.46
C ILE D 299 -25.70 1.39 -18.95
N LYS D 300 -24.77 2.30 -19.25
CA LYS D 300 -23.39 1.92 -19.54
C LYS D 300 -22.53 1.88 -18.27
N TYR D 301 -22.52 3.00 -17.55
CA TYR D 301 -21.54 3.25 -16.49
C TYR D 301 -22.13 3.17 -15.09
N GLY D 302 -23.46 3.12 -14.98
CA GLY D 302 -24.11 3.12 -13.68
C GLY D 302 -24.36 4.53 -13.21
N LEU D 303 -24.88 4.67 -12.00
CA LEU D 303 -25.30 5.97 -11.48
C LEU D 303 -24.12 6.73 -10.88
N MET D 304 -22.96 6.07 -10.82
CA MET D 304 -21.73 6.72 -10.38
C MET D 304 -21.86 7.28 -8.96
N ASP D 305 -22.50 6.51 -8.09
CA ASP D 305 -22.68 6.87 -6.68
C ASP D 305 -21.61 6.20 -5.80
C BEZ E 1 -2.13 11.29 23.81
O1 BEZ E 1 -1.43 11.51 22.87
C1 BEZ E 1 -2.65 12.44 24.62
C2 BEZ E 1 -3.95 12.92 24.53
C3 BEZ E 1 -4.34 14.04 25.25
C4 BEZ E 1 -3.43 14.70 26.06
C5 BEZ E 1 -2.13 14.22 26.16
C6 BEZ E 1 -1.74 13.11 25.45
N TYR E 2 -2.42 9.83 24.11
CA TYR E 2 -3.81 9.42 23.71
C TYR E 2 -4.01 9.66 22.22
N TYR E 3 -3.70 8.63 21.42
CA TYR E 3 -4.12 8.62 20.02
C TYR E 3 -4.39 7.23 19.44
N ASN E 4 -5.39 7.15 18.55
CA ASN E 4 -5.69 5.95 17.80
C ASN E 4 -4.58 5.64 16.78
C ECC E 5 -4.24 2.79 14.72
N ECC E 5 -4.31 4.35 16.58
O ECC E 5 -3.57 2.42 13.52
CA ECC E 5 -3.49 3.87 15.47
CB ECC E 5 -2.13 3.37 15.99
CD ECC E 5 0.07 4.03 17.04
CG ECC E 5 -1.29 4.50 16.59
OE1 ECC E 5 0.20 2.98 17.68
NE2 ECC E 5 1.10 4.81 16.73
C BEZ F 1 -15.45 22.96 1.11
O1 BEZ F 1 -15.74 21.87 0.69
C1 BEZ F 1 -16.33 23.62 2.10
C2 BEZ F 1 -17.71 23.41 2.15
C3 BEZ F 1 -18.48 24.06 3.09
C4 BEZ F 1 -17.90 24.93 3.99
C5 BEZ F 1 -16.54 25.14 3.96
C6 BEZ F 1 -15.76 24.49 3.02
N TYR F 2 -14.18 23.65 0.60
CA TYR F 2 -13.38 22.67 -0.19
C TYR F 2 -12.39 21.95 0.73
N TYR F 3 -11.71 20.95 0.19
CA TYR F 3 -10.73 20.19 0.94
C TYR F 3 -9.51 19.84 0.08
N ASN F 4 -8.35 19.70 0.73
CA ASN F 4 -7.17 19.22 0.05
C ASN F 4 -7.33 17.75 -0.31
C ECC F 5 -5.18 15.63 -2.17
N ECC F 5 -6.76 17.34 -1.45
O ECC F 5 -4.98 14.24 -2.44
CA ECC F 5 -6.63 15.93 -1.83
CB ECC F 5 -7.57 15.59 -2.98
CD ECC F 5 -9.98 15.20 -3.59
CG ECC F 5 -9.03 15.65 -2.52
OE1 ECC F 5 -9.83 15.52 -4.77
NE2 ECC F 5 -10.99 14.43 -3.19
C BEZ G 1 36.21 -20.91 26.87
O1 BEZ G 1 36.59 -20.04 26.12
C1 BEZ G 1 36.84 -21.02 28.21
C2 BEZ G 1 37.83 -20.15 28.65
C3 BEZ G 1 38.37 -20.29 29.92
C4 BEZ G 1 37.94 -21.30 30.75
C5 BEZ G 1 36.97 -22.17 30.33
C6 BEZ G 1 36.42 -22.05 29.07
N TYR G 2 35.10 -21.84 26.40
CA TYR G 2 35.72 -22.97 25.60
C TYR G 2 34.79 -24.17 25.62
N TYR G 3 33.61 -24.02 24.99
CA TYR G 3 32.70 -25.15 24.88
C TYR G 3 31.83 -25.19 23.61
N ASN G 4 31.62 -26.40 23.10
CA ASN G 4 30.61 -26.66 22.08
C ASN G 4 29.25 -26.86 22.74
C ECC G 5 25.99 -27.64 21.55
N ECC G 5 28.18 -26.63 21.99
O ECC G 5 26.43 -28.99 21.60
CA ECC G 5 26.81 -26.76 22.48
CB ECC G 5 26.17 -25.38 22.66
CD ECC G 5 26.10 -23.42 24.25
CG ECC G 5 26.93 -24.55 23.70
OE1 ECC G 5 25.77 -22.46 23.54
NE2 ECC G 5 25.76 -23.52 25.52
OH2 1PE H . -8.67 -2.25 33.50
C12 1PE H . -8.36 -3.61 33.75
C22 1PE H . -6.91 -3.82 34.05
OH3 1PE H . -6.56 -3.12 35.24
C13 1PE H . -4.69 -2.70 36.68
C23 1PE H . -5.48 -3.73 35.94
OH4 1PE H . -4.09 -1.78 35.78
C14 1PE H . -3.44 0.49 35.38
C24 1PE H . -3.67 -0.57 36.40
OH5 1PE H . -2.39 0.11 34.50
C15 1PE H . -0.91 0.67 32.73
C25 1PE H . -2.18 1.04 33.44
OH6 1PE H . 0.12 0.55 33.69
C16 1PE H . 2.44 0.77 34.22
C26 1PE H . 1.44 0.49 33.13
OH7 1PE H . 3.75 0.41 33.84
C1 PGE I . 33.20 -9.23 17.13
O1 PGE I . 32.49 -8.59 18.18
C2 PGE I . 33.54 -10.65 17.54
O2 PGE I . 34.01 -11.36 16.42
C3 PGE I . 35.34 -11.10 16.02
C4 PGE I . 35.48 -11.67 14.62
O4 PGE I . 35.93 -11.14 10.65
C6 PGE I . 36.22 -10.02 11.49
C5 PGE I . 35.41 -10.12 12.77
O3 PGE I . 36.18 -10.77 13.77
H1 PGE I . 32.62 -9.27 16.20
H12 PGE I . 34.15 -8.70 16.90
HO1 PGE I . 32.36 -7.67 17.94
H2 PGE I . 34.31 -10.61 18.33
H22 PGE I . 32.65 -11.12 17.98
H3 PGE I . 36.07 -11.59 16.69
H32 PGE I . 35.54 -10.02 16.01
H4 PGE I . 36.00 -12.64 14.68
H42 PGE I . 34.47 -11.87 14.22
HO4 PGE I . 36.28 -10.97 9.78
H6 PGE I . 35.95 -9.08 10.98
H62 PGE I . 37.28 -9.98 11.75
H5 PGE I . 34.47 -10.66 12.57
H52 PGE I . 35.13 -9.10 13.10
C1 PGE J . -41.87 40.18 -30.23
O1 PGE J . -43.06 40.16 -31.00
C2 PGE J . -40.85 39.26 -30.88
O2 PGE J . -39.83 38.93 -29.96
C3 PGE J . -38.91 37.99 -30.47
C4 PGE J . -38.80 36.82 -29.52
C5 PGE J . -38.26 35.00 -30.93
O3 PGE J . -39.26 35.66 -30.17
H1 PGE J . -41.43 41.19 -30.18
H12 PGE J . -42.04 39.82 -29.20
HO1 PGE J . -43.68 40.79 -30.61
H2 PGE J . -41.37 38.36 -31.24
H22 PGE J . -40.43 39.78 -31.78
H3 PGE J . -37.90 38.45 -30.59
H32 PGE J . -39.22 37.63 -31.47
H4 PGE J . -39.40 37.03 -28.62
H42 PGE J . -37.75 36.71 -29.20
C12 1PE K . -10.26 33.59 -13.90
C22 1PE K . -11.56 32.87 -13.92
OH3 1PE K . -12.58 33.66 -13.31
C13 1PE K . -13.70 31.64 -12.73
C23 1PE K . -13.26 33.00 -12.28
OH4 1PE K . -14.39 30.97 -11.68
C14 1PE K . -15.06 28.74 -11.11
C24 1PE K . -13.93 29.64 -11.47
OH5 1PE K . -15.89 28.52 -12.24
C15 1PE K . -16.54 27.08 -14.05
C25 1PE K . -15.69 27.23 -12.82
OH6 1PE K . -17.91 27.02 -13.74
OH2 1PE L . -21.03 -13.51 -30.28
C12 1PE L . -21.49 -12.90 -29.07
C22 1PE L . -22.83 -12.29 -29.30
OH3 1PE L . -23.31 -11.71 -28.10
C13 1PE L . -25.09 -10.67 -29.31
C23 1PE L . -23.99 -10.48 -28.30
OH4 1PE L . -25.01 -9.66 -30.31
C14 1PE L . -24.75 -7.34 -30.69
C24 1PE L . -25.43 -8.38 -29.87
OH5 1PE L . -25.41 -6.08 -30.55
C15 1PE L . -25.99 -4.17 -29.23
C25 1PE L . -25.22 -5.46 -29.28
OH6 1PE L . -26.02 -3.62 -27.91
#